data_2L93
#
_entry.id   2L93
#
_entity_poly.entity_id   1
_entity_poly.type   'polypeptide(L)'
_entity_poly.pdbx_seq_one_letter_code
;AARPAKYSYVDENGETKTWTGQGRTPAVIKKAMEEQGKQLEDFLIKELEHHHHHH
;
_entity_poly.pdbx_strand_id   A
#
# COMPACT_ATOMS: atom_id res chain seq x y z
N ALA A 1 -12.99 14.97 -11.98
CA ALA A 1 -12.62 14.08 -10.84
C ALA A 1 -11.86 12.83 -11.31
N ALA A 2 -11.05 12.23 -10.42
CA ALA A 2 -10.25 11.02 -10.68
C ALA A 2 -10.08 10.15 -9.41
N ARG A 3 -9.56 8.92 -9.58
CA ARG A 3 -9.33 7.94 -8.50
C ARG A 3 -8.04 7.11 -8.68
N PRO A 4 -6.85 7.74 -8.76
CA PRO A 4 -5.56 7.09 -9.07
C PRO A 4 -4.95 6.29 -7.89
N ALA A 5 -5.78 5.64 -7.08
CA ALA A 5 -5.46 4.99 -5.80
C ALA A 5 -4.72 5.91 -4.79
N LYS A 6 -4.22 5.32 -3.69
CA LYS A 6 -3.57 6.01 -2.56
C LYS A 6 -2.28 5.33 -2.10
N TYR A 7 -2.19 4.01 -2.22
CA TYR A 7 -1.01 3.22 -1.87
C TYR A 7 -0.70 2.17 -2.95
N SER A 8 0.54 1.71 -3.01
CA SER A 8 1.04 0.68 -3.92
C SER A 8 2.07 -0.21 -3.23
N TYR A 9 2.05 -1.51 -3.54
CA TYR A 9 2.93 -2.52 -2.93
C TYR A 9 3.40 -3.59 -3.93
N VAL A 10 4.32 -4.45 -3.48
CA VAL A 10 5.10 -5.41 -4.28
C VAL A 10 4.90 -6.87 -3.82
N ASP A 11 5.46 -7.82 -4.57
CA ASP A 11 5.55 -9.23 -4.16
C ASP A 11 6.92 -9.87 -4.51
N GLU A 12 7.42 -9.70 -5.74
CA GLU A 12 8.75 -10.17 -6.14
C GLU A 12 9.38 -9.30 -7.25
N ASN A 13 8.74 -9.21 -8.42
CA ASN A 13 9.32 -8.59 -9.62
C ASN A 13 9.29 -7.04 -9.64
N GLY A 14 8.47 -6.42 -8.80
CA GLY A 14 8.21 -4.97 -8.78
C GLY A 14 6.85 -4.62 -8.18
N GLU A 15 6.37 -3.40 -8.38
CA GLU A 15 5.00 -2.99 -8.05
C GLU A 15 3.97 -3.97 -8.63
N THR A 16 3.11 -4.50 -7.76
CA THR A 16 2.20 -5.61 -8.08
C THR A 16 0.73 -5.23 -7.97
N LYS A 17 0.33 -4.46 -6.93
CA LYS A 17 -1.06 -4.07 -6.64
C LYS A 17 -1.13 -2.72 -5.92
N THR A 18 -2.33 -2.12 -5.92
CA THR A 18 -2.62 -0.80 -5.32
C THR A 18 -3.87 -0.82 -4.44
N TRP A 19 -4.04 0.21 -3.61
CA TRP A 19 -5.13 0.32 -2.62
C TRP A 19 -5.52 1.78 -2.36
N THR A 20 -6.74 2.00 -1.86
CA THR A 20 -7.35 3.33 -1.63
C THR A 20 -7.49 3.69 -0.14
N GLY A 21 -7.35 2.71 0.75
CA GLY A 21 -7.65 2.82 2.19
C GLY A 21 -9.03 2.27 2.58
N GLN A 22 -9.88 1.95 1.60
CA GLN A 22 -11.22 1.37 1.81
C GLN A 22 -11.15 -0.13 2.15
N GLY A 23 -12.00 -0.58 3.09
CA GLY A 23 -12.12 -1.99 3.47
C GLY A 23 -10.91 -2.56 4.23
N ARG A 24 -10.84 -3.90 4.32
CA ARG A 24 -9.76 -4.66 4.98
C ARG A 24 -8.37 -4.34 4.39
N THR A 25 -7.40 -4.08 5.25
CA THR A 25 -6.00 -3.80 4.87
C THR A 25 -5.39 -4.95 4.04
N PRO A 26 -4.78 -4.68 2.86
CA PRO A 26 -4.11 -5.70 2.05
C PRO A 26 -3.03 -6.48 2.82
N ALA A 27 -2.86 -7.77 2.51
CA ALA A 27 -1.99 -8.67 3.27
C ALA A 27 -0.53 -8.17 3.41
N VAL A 28 0.07 -7.67 2.32
CA VAL A 28 1.45 -7.14 2.35
C VAL A 28 1.55 -5.87 3.21
N ILE A 29 0.57 -4.96 3.10
CA ILE A 29 0.50 -3.75 3.92
C ILE A 29 0.36 -4.12 5.41
N LYS A 30 -0.53 -5.08 5.73
CA LYS A 30 -0.74 -5.62 7.09
C LYS A 30 0.56 -6.21 7.66
N LYS A 31 1.23 -7.08 6.91
CA LYS A 31 2.49 -7.70 7.32
C LYS A 31 3.63 -6.69 7.48
N ALA A 32 3.70 -5.68 6.63
CA ALA A 32 4.66 -4.58 6.78
C ALA A 32 4.43 -3.78 8.09
N MET A 33 3.17 -3.49 8.42
CA MET A 33 2.80 -2.80 9.67
C MET A 33 3.12 -3.65 10.92
N GLU A 34 2.86 -4.96 10.89
CA GLU A 34 2.96 -5.82 12.08
C GLU A 34 4.31 -6.56 12.25
N GLU A 35 5.01 -6.92 11.16
CA GLU A 35 6.29 -7.67 11.21
C GLU A 35 7.51 -6.86 10.76
N GLN A 36 7.33 -5.72 10.08
CA GLN A 36 8.41 -4.76 9.76
C GLN A 36 8.26 -3.42 10.52
N GLY A 37 7.19 -3.24 11.30
CA GLY A 37 6.92 -2.02 12.09
C GLY A 37 6.67 -0.75 11.26
N LYS A 38 6.36 -0.89 9.96
CA LYS A 38 6.17 0.22 9.02
C LYS A 38 4.86 1.00 9.23
N GLN A 39 4.75 2.13 8.53
CA GLN A 39 3.53 2.93 8.40
C GLN A 39 3.19 3.12 6.91
N LEU A 40 1.95 3.56 6.63
CA LEU A 40 1.38 3.58 5.27
C LEU A 40 2.17 4.48 4.29
N GLU A 41 2.87 5.49 4.81
CA GLU A 41 3.73 6.38 4.03
C GLU A 41 4.87 5.66 3.26
N ASP A 42 5.28 4.45 3.69
CA ASP A 42 6.23 3.63 2.93
C ASP A 42 5.65 3.10 1.59
N PHE A 43 4.31 3.13 1.46
CA PHE A 43 3.53 2.61 0.32
C PHE A 43 2.68 3.68 -0.38
N LEU A 44 2.51 4.85 0.26
CA LEU A 44 1.78 6.02 -0.23
C LEU A 44 2.32 6.54 -1.57
N ILE A 45 1.41 6.89 -2.47
CA ILE A 45 1.70 7.35 -3.85
C ILE A 45 1.14 8.73 -4.23
N LYS A 46 0.25 9.34 -3.43
CA LYS A 46 -0.50 10.55 -3.83
C LYS A 46 -0.56 11.64 -2.75
N GLU A 47 -1.33 11.45 -1.67
CA GLU A 47 -1.55 12.46 -0.62
C GLU A 47 -1.99 11.80 0.70
N LEU A 48 -1.50 12.29 1.84
CA LEU A 48 -1.79 11.75 3.19
C LEU A 48 -1.96 12.86 4.25
N GLU A 49 -2.38 14.06 3.82
CA GLU A 49 -2.66 15.24 4.66
C GLU A 49 -3.76 14.99 5.72
N ALA A 1 -14.21 -0.66 -17.24
CA ALA A 1 -14.18 -0.28 -15.81
C ALA A 1 -12.79 0.21 -15.39
N ALA A 2 -12.72 1.04 -14.33
CA ALA A 2 -11.47 1.61 -13.78
C ALA A 2 -11.57 1.85 -12.26
N ARG A 3 -10.43 2.12 -11.60
CA ARG A 3 -10.30 2.39 -10.15
C ARG A 3 -9.17 3.40 -9.86
N PRO A 4 -9.36 4.36 -8.94
CA PRO A 4 -8.29 5.27 -8.49
C PRO A 4 -7.27 4.57 -7.58
N ALA A 5 -6.21 5.27 -7.19
CA ALA A 5 -5.15 4.77 -6.29
C ALA A 5 -4.57 5.87 -5.38
N LYS A 6 -3.98 5.44 -4.25
CA LYS A 6 -3.26 6.27 -3.27
C LYS A 6 -2.00 5.58 -2.70
N TYR A 7 -2.00 4.25 -2.64
CA TYR A 7 -0.91 3.40 -2.15
C TYR A 7 -0.59 2.28 -3.16
N SER A 8 0.63 1.74 -3.14
CA SER A 8 1.07 0.62 -3.98
C SER A 8 1.88 -0.40 -3.18
N TYR A 9 1.85 -1.68 -3.57
CA TYR A 9 2.66 -2.74 -2.94
C TYR A 9 3.24 -3.77 -3.95
N VAL A 10 4.17 -4.58 -3.43
CA VAL A 10 5.06 -5.52 -4.15
C VAL A 10 4.87 -6.94 -3.60
N ASP A 11 4.72 -7.93 -4.47
CA ASP A 11 4.71 -9.34 -4.05
C ASP A 11 6.13 -9.89 -3.84
N GLU A 12 7.00 -9.78 -4.86
CA GLU A 12 8.42 -10.15 -4.79
C GLU A 12 9.25 -9.46 -5.90
N ASN A 13 8.88 -9.71 -7.17
CA ASN A 13 9.69 -9.29 -8.33
C ASN A 13 9.63 -7.78 -8.64
N GLY A 14 8.56 -7.10 -8.20
CA GLY A 14 8.30 -5.68 -8.49
C GLY A 14 6.88 -5.24 -8.12
N GLU A 15 6.53 -4.00 -8.49
CA GLU A 15 5.20 -3.41 -8.31
C GLU A 15 4.08 -4.37 -8.78
N THR A 16 3.13 -4.61 -7.88
CA THR A 16 2.11 -5.66 -8.00
C THR A 16 0.69 -5.10 -8.07
N LYS A 17 0.24 -4.36 -7.04
CA LYS A 17 -1.15 -3.89 -6.89
C LYS A 17 -1.22 -2.54 -6.16
N THR A 18 -2.39 -1.90 -6.20
CA THR A 18 -2.66 -0.58 -5.60
C THR A 18 -3.91 -0.56 -4.72
N TRP A 19 -4.02 0.47 -3.87
CA TRP A 19 -5.08 0.62 -2.86
C TRP A 19 -5.42 2.11 -2.65
N THR A 20 -6.61 2.38 -2.10
CA THR A 20 -7.23 3.72 -1.99
C THR A 20 -7.37 4.22 -0.54
N GLY A 21 -6.99 3.42 0.46
CA GLY A 21 -7.16 3.76 1.88
C GLY A 21 -8.55 3.45 2.44
N GLN A 22 -9.27 2.49 1.84
CA GLN A 22 -10.66 2.14 2.17
C GLN A 22 -10.88 0.61 2.25
N GLY A 23 -11.97 0.18 2.86
CA GLY A 23 -12.31 -1.22 3.09
C GLY A 23 -11.45 -1.85 4.20
N ARG A 24 -10.36 -2.54 3.80
CA ARG A 24 -9.32 -3.11 4.71
C ARG A 24 -7.93 -2.97 4.09
N THR A 25 -6.90 -2.83 4.94
CA THR A 25 -5.48 -2.75 4.55
C THR A 25 -5.03 -4.01 3.77
N PRO A 26 -4.39 -3.89 2.60
CA PRO A 26 -3.82 -5.02 1.84
C PRO A 26 -2.90 -5.92 2.68
N ALA A 27 -2.92 -7.23 2.42
CA ALA A 27 -2.22 -8.25 3.20
C ALA A 27 -0.72 -7.96 3.37
N VAL A 28 -0.01 -7.61 2.29
CA VAL A 28 1.42 -7.26 2.34
C VAL A 28 1.69 -6.06 3.24
N ILE A 29 0.88 -5.01 3.13
CA ILE A 29 1.00 -3.79 3.94
C ILE A 29 0.72 -4.11 5.43
N LYS A 30 -0.34 -4.87 5.72
CA LYS A 30 -0.71 -5.35 7.06
C LYS A 30 0.43 -6.16 7.71
N LYS A 31 1.00 -7.12 6.98
CA LYS A 31 2.14 -7.92 7.47
C LYS A 31 3.41 -7.06 7.68
N ALA A 32 3.71 -6.14 6.78
CA ALA A 32 4.83 -5.20 6.92
C ALA A 32 4.69 -4.27 8.14
N MET A 33 3.48 -3.80 8.44
CA MET A 33 3.21 -2.98 9.64
C MET A 33 3.51 -3.74 10.95
N GLU A 34 3.10 -5.00 11.06
CA GLU A 34 3.21 -5.77 12.31
C GLU A 34 4.51 -6.57 12.48
N GLU A 35 5.21 -6.91 11.37
CA GLU A 35 6.45 -7.72 11.41
C GLU A 35 7.73 -6.94 11.04
N GLN A 36 7.61 -5.76 10.40
CA GLN A 36 8.75 -4.94 9.97
C GLN A 36 8.67 -3.47 10.45
N GLY A 37 7.59 -3.08 11.16
CA GLY A 37 7.42 -1.74 11.73
C GLY A 37 7.20 -0.60 10.72
N LYS A 38 6.92 -0.94 9.44
CA LYS A 38 6.62 0.03 8.37
C LYS A 38 5.28 0.74 8.59
N GLN A 39 5.05 1.84 7.87
CA GLN A 39 3.85 2.68 7.96
C GLN A 39 3.20 2.91 6.60
N LEU A 40 1.92 3.32 6.58
CA LEU A 40 1.14 3.45 5.34
C LEU A 40 1.77 4.45 4.36
N GLU A 41 2.36 5.54 4.87
CA GLU A 41 3.08 6.54 4.06
C GLU A 41 4.31 5.98 3.33
N ASP A 42 4.88 4.86 3.79
CA ASP A 42 5.97 4.16 3.09
C ASP A 42 5.48 3.40 1.83
N PHE A 43 4.16 3.29 1.66
CA PHE A 43 3.47 2.71 0.49
C PHE A 43 2.65 3.76 -0.28
N LEU A 44 2.32 4.89 0.34
CA LEU A 44 1.58 6.03 -0.23
C LEU A 44 2.45 6.78 -1.26
N ILE A 45 1.92 6.98 -2.48
CA ILE A 45 2.65 7.66 -3.58
C ILE A 45 1.94 8.86 -4.22
N LYS A 46 0.60 8.95 -4.19
CA LYS A 46 -0.16 9.95 -4.97
C LYS A 46 -0.36 11.32 -4.27
N GLU A 47 0.03 11.44 -3.00
CA GLU A 47 -0.22 12.63 -2.16
C GLU A 47 1.00 13.02 -1.29
N LEU A 48 2.20 12.58 -1.68
CA LEU A 48 3.48 12.85 -1.00
C LEU A 48 4.60 13.18 -2.01
N GLU A 49 5.67 13.82 -1.54
CA GLU A 49 6.85 14.26 -2.32
C GLU A 49 8.17 14.06 -1.54
N ALA A 1 -18.00 3.05 -11.63
CA ALA A 1 -17.10 4.08 -11.03
C ALA A 1 -16.50 3.61 -9.69
N ALA A 2 -15.32 4.12 -9.33
CA ALA A 2 -14.59 3.80 -8.10
C ALA A 2 -13.78 5.00 -7.57
N ARG A 3 -13.29 4.92 -6.31
CA ARG A 3 -12.37 5.92 -5.72
C ARG A 3 -11.00 5.92 -6.42
N PRO A 4 -10.26 7.05 -6.41
CA PRO A 4 -8.89 7.11 -6.93
C PRO A 4 -7.90 6.34 -6.04
N ALA A 5 -6.79 5.86 -6.63
CA ALA A 5 -5.70 5.24 -5.88
C ALA A 5 -4.95 6.24 -4.99
N LYS A 6 -4.35 5.75 -3.90
CA LYS A 6 -3.45 6.49 -3.00
C LYS A 6 -2.27 5.67 -2.48
N TYR A 7 -2.29 4.35 -2.60
CA TYR A 7 -1.24 3.44 -2.11
C TYR A 7 -0.86 2.42 -3.19
N SER A 8 0.34 1.84 -3.12
CA SER A 8 0.77 0.73 -3.98
C SER A 8 1.82 -0.18 -3.32
N TYR A 9 2.00 -1.40 -3.88
CA TYR A 9 2.99 -2.36 -3.40
C TYR A 9 3.60 -3.25 -4.49
N VAL A 10 4.72 -3.87 -4.12
CA VAL A 10 5.67 -4.62 -4.96
C VAL A 10 5.96 -5.97 -4.29
N ASP A 11 6.25 -7.01 -5.08
CA ASP A 11 6.56 -8.37 -4.62
C ASP A 11 7.67 -9.00 -5.49
N GLU A 12 7.99 -10.29 -5.30
CA GLU A 12 9.06 -11.00 -6.01
C GLU A 12 8.88 -10.98 -7.55
N ASN A 13 7.64 -10.96 -8.03
CA ASN A 13 7.29 -10.85 -9.45
C ASN A 13 7.53 -9.45 -10.06
N GLY A 14 7.70 -8.41 -9.23
CA GLY A 14 7.79 -7.01 -9.64
C GLY A 14 6.69 -6.13 -9.01
N GLU A 15 6.43 -4.97 -9.59
CA GLU A 15 5.27 -4.13 -9.24
C GLU A 15 3.98 -4.96 -9.28
N THR A 16 3.17 -4.88 -8.21
CA THR A 16 2.05 -5.79 -7.99
C THR A 16 0.67 -5.11 -8.08
N LYS A 17 0.32 -4.22 -7.16
CA LYS A 17 -1.05 -3.65 -7.07
C LYS A 17 -1.09 -2.23 -6.47
N THR A 18 -2.22 -1.56 -6.66
CA THR A 18 -2.60 -0.28 -6.03
C THR A 18 -3.82 -0.45 -5.11
N TRP A 19 -4.05 0.54 -4.23
CA TRP A 19 -5.19 0.60 -3.31
C TRP A 19 -5.65 2.04 -3.08
N THR A 20 -6.90 2.23 -2.66
CA THR A 20 -7.60 3.52 -2.58
C THR A 20 -7.81 4.02 -1.14
N GLY A 21 -7.71 3.12 -0.15
CA GLY A 21 -8.09 3.37 1.25
C GLY A 21 -9.47 2.80 1.63
N GLN A 22 -10.26 2.34 0.65
CA GLN A 22 -11.57 1.71 0.89
C GLN A 22 -11.43 0.26 1.38
N GLY A 23 -12.34 -0.18 2.26
CA GLY A 23 -12.28 -1.50 2.90
C GLY A 23 -11.13 -1.66 3.91
N ARG A 24 -10.89 -2.90 4.35
CA ARG A 24 -9.76 -3.25 5.25
C ARG A 24 -8.40 -3.10 4.54
N THR A 25 -7.36 -2.81 5.32
CA THR A 25 -5.96 -2.69 4.83
C THR A 25 -5.48 -3.97 4.12
N PRO A 26 -4.83 -3.88 2.94
CA PRO A 26 -4.26 -5.05 2.24
C PRO A 26 -3.35 -5.92 3.12
N ALA A 27 -3.41 -7.24 2.95
CA ALA A 27 -2.76 -8.21 3.84
C ALA A 27 -1.24 -8.01 3.98
N VAL A 28 -0.52 -7.85 2.87
CA VAL A 28 0.95 -7.69 2.91
C VAL A 28 1.39 -6.33 3.49
N ILE A 29 0.59 -5.26 3.28
CA ILE A 29 0.79 -3.96 3.95
C ILE A 29 0.67 -4.16 5.46
N LYS A 30 -0.43 -4.79 5.92
CA LYS A 30 -0.68 -5.08 7.33
C LYS A 30 0.47 -5.91 7.94
N LYS A 31 0.91 -6.97 7.23
CA LYS A 31 1.99 -7.84 7.72
C LYS A 31 3.33 -7.10 7.79
N ALA A 32 3.67 -6.27 6.81
CA ALA A 32 4.88 -5.43 6.86
C ALA A 32 4.86 -4.44 8.05
N MET A 33 3.69 -3.82 8.33
CA MET A 33 3.50 -2.97 9.50
C MET A 33 3.66 -3.73 10.83
N GLU A 34 3.20 -4.97 10.92
CA GLU A 34 3.36 -5.83 12.11
C GLU A 34 4.80 -6.35 12.31
N GLU A 35 5.40 -6.94 11.28
CA GLU A 35 6.68 -7.66 11.40
C GLU A 35 7.91 -6.74 11.51
N GLN A 36 7.83 -5.50 11.00
CA GLN A 36 8.97 -4.57 10.90
C GLN A 36 8.70 -3.19 11.54
N GLY A 37 7.53 -2.98 12.15
CA GLY A 37 7.12 -1.70 12.76
C GLY A 37 6.87 -0.56 11.75
N LYS A 38 6.81 -0.88 10.45
CA LYS A 38 6.59 0.07 9.35
C LYS A 38 5.23 0.80 9.47
N GLN A 39 5.11 1.90 8.73
CA GLN A 39 3.92 2.77 8.71
C GLN A 39 3.39 2.91 7.27
N LEU A 40 2.09 3.20 7.13
CA LEU A 40 1.37 3.16 5.84
C LEU A 40 1.93 4.14 4.80
N GLU A 41 2.55 5.24 5.25
CA GLU A 41 3.22 6.21 4.39
C GLU A 41 4.37 5.63 3.54
N ASP A 42 4.95 4.47 3.91
CA ASP A 42 5.88 3.75 3.03
C ASP A 42 5.22 3.23 1.73
N PHE A 43 3.91 3.00 1.76
CA PHE A 43 3.09 2.51 0.65
C PHE A 43 2.25 3.62 0.00
N LEU A 44 1.99 4.72 0.71
CA LEU A 44 1.27 5.90 0.24
C LEU A 44 2.10 6.65 -0.83
N ILE A 45 1.55 6.80 -2.04
CA ILE A 45 2.26 7.29 -3.25
C ILE A 45 1.62 8.49 -3.98
N LYS A 46 0.43 8.97 -3.57
CA LYS A 46 -0.29 10.05 -4.27
C LYS A 46 0.46 11.39 -4.32
N GLU A 47 1.08 11.77 -3.21
CA GLU A 47 1.64 13.13 -3.02
C GLU A 47 2.95 13.17 -2.20
N LEU A 48 3.67 12.03 -2.14
CA LEU A 48 4.90 11.84 -1.33
C LEU A 48 6.12 11.41 -2.19
N GLU A 49 6.07 11.69 -3.49
CA GLU A 49 7.10 11.39 -4.50
C GLU A 49 7.18 12.47 -5.60
N ALA A 1 -11.74 7.03 -19.59
CA ALA A 1 -11.76 6.22 -18.34
C ALA A 1 -10.40 6.28 -17.60
N ALA A 2 -10.40 6.06 -16.29
CA ALA A 2 -9.21 6.07 -15.42
C ALA A 2 -9.34 5.08 -14.24
N ARG A 3 -8.20 4.83 -13.55
CA ARG A 3 -8.10 3.92 -12.39
C ARG A 3 -7.11 4.47 -11.33
N PRO A 4 -7.44 5.61 -10.68
CA PRO A 4 -6.57 6.24 -9.69
C PRO A 4 -6.41 5.41 -8.40
N ALA A 5 -5.37 5.72 -7.62
CA ALA A 5 -5.03 5.06 -6.35
C ALA A 5 -4.32 6.00 -5.37
N LYS A 6 -4.13 5.55 -4.12
CA LYS A 6 -3.49 6.27 -3.01
C LYS A 6 -2.27 5.54 -2.45
N TYR A 7 -2.20 4.23 -2.60
CA TYR A 7 -1.08 3.38 -2.14
C TYR A 7 -0.70 2.35 -3.22
N SER A 8 0.54 1.89 -3.19
CA SER A 8 1.14 0.91 -4.11
C SER A 8 2.05 -0.05 -3.33
N TYR A 9 2.01 -1.35 -3.67
CA TYR A 9 2.66 -2.41 -2.88
C TYR A 9 3.23 -3.57 -3.71
N VAL A 10 4.00 -4.43 -3.03
CA VAL A 10 4.85 -5.50 -3.59
C VAL A 10 4.41 -6.88 -3.07
N ASP A 11 4.76 -7.95 -3.79
CA ASP A 11 4.60 -9.34 -3.31
C ASP A 11 5.89 -10.19 -3.46
N GLU A 12 6.58 -10.15 -4.60
CA GLU A 12 7.81 -10.93 -4.81
C GLU A 12 8.86 -10.28 -5.74
N ASN A 13 8.48 -9.89 -6.98
CA ASN A 13 9.43 -9.47 -8.03
C ASN A 13 9.42 -7.97 -8.32
N GLY A 14 8.61 -7.18 -7.60
CA GLY A 14 8.48 -5.73 -7.79
C GLY A 14 7.09 -5.21 -7.36
N GLU A 15 6.84 -3.91 -7.53
CA GLU A 15 5.50 -3.34 -7.31
C GLU A 15 4.47 -4.06 -8.20
N THR A 16 3.44 -4.59 -7.55
CA THR A 16 2.48 -5.51 -8.15
C THR A 16 1.03 -5.01 -8.17
N LYS A 17 0.59 -4.32 -7.12
CA LYS A 17 -0.82 -3.91 -6.91
C LYS A 17 -0.95 -2.56 -6.20
N THR A 18 -2.17 -2.02 -6.16
CA THR A 18 -2.49 -0.68 -5.66
C THR A 18 -3.78 -0.68 -4.83
N TRP A 19 -3.99 0.39 -4.03
CA TRP A 19 -5.13 0.54 -3.12
C TRP A 19 -5.53 2.02 -2.95
N THR A 20 -6.77 2.28 -2.54
CA THR A 20 -7.40 3.61 -2.47
C THR A 20 -7.57 4.16 -1.04
N GLY A 21 -7.57 3.28 -0.04
CA GLY A 21 -7.87 3.61 1.37
C GLY A 21 -9.27 3.15 1.81
N GLN A 22 -10.15 2.75 0.88
CA GLN A 22 -11.47 2.18 1.20
C GLN A 22 -11.38 0.68 1.52
N GLY A 23 -12.28 0.19 2.38
CA GLY A 23 -12.22 -1.17 2.93
C GLY A 23 -11.03 -1.42 3.89
N ARG A 24 -10.83 -2.67 4.30
CA ARG A 24 -9.67 -3.08 5.13
C ARG A 24 -8.33 -2.92 4.37
N THR A 25 -7.26 -2.69 5.12
CA THR A 25 -5.87 -2.64 4.59
C THR A 25 -5.49 -3.96 3.89
N PRO A 26 -4.87 -3.94 2.69
CA PRO A 26 -4.32 -5.14 2.03
C PRO A 26 -3.44 -5.99 2.94
N ALA A 27 -3.62 -7.31 2.91
CA ALA A 27 -3.00 -8.25 3.85
C ALA A 27 -1.47 -8.14 3.89
N VAL A 28 -0.80 -8.05 2.74
CA VAL A 28 0.67 -7.90 2.68
C VAL A 28 1.15 -6.55 3.22
N ILE A 29 0.40 -5.46 3.03
CA ILE A 29 0.69 -4.16 3.68
C ILE A 29 0.58 -4.30 5.20
N LYS A 30 -0.52 -4.87 5.71
CA LYS A 30 -0.72 -5.15 7.14
C LYS A 30 0.44 -5.96 7.72
N LYS A 31 0.83 -7.04 7.03
CA LYS A 31 1.90 -7.93 7.49
C LYS A 31 3.26 -7.26 7.50
N ALA A 32 3.59 -6.47 6.48
CA ALA A 32 4.82 -5.69 6.41
C ALA A 32 4.90 -4.62 7.52
N MET A 33 3.79 -3.91 7.80
CA MET A 33 3.71 -2.95 8.91
C MET A 33 3.91 -3.62 10.28
N GLU A 34 3.34 -4.81 10.50
CA GLU A 34 3.54 -5.58 11.73
C GLU A 34 4.95 -6.18 11.88
N GLU A 35 5.52 -6.75 10.81
CA GLU A 35 6.81 -7.45 10.84
C GLU A 35 8.04 -6.51 10.78
N GLN A 36 7.91 -5.31 10.21
CA GLN A 36 9.04 -4.41 9.90
C GLN A 36 8.88 -2.99 10.49
N GLY A 37 7.80 -2.72 11.24
CA GLY A 37 7.52 -1.42 11.87
C GLY A 37 7.06 -0.30 10.91
N LYS A 38 6.91 -0.61 9.61
CA LYS A 38 6.45 0.31 8.55
C LYS A 38 5.07 0.90 8.84
N GLN A 39 4.73 1.99 8.16
CA GLN A 39 3.49 2.77 8.29
C GLN A 39 2.89 3.03 6.90
N LEU A 40 1.67 3.59 6.81
CA LEU A 40 0.98 3.79 5.51
C LEU A 40 1.78 4.65 4.54
N GLU A 41 2.55 5.61 5.04
CA GLU A 41 3.45 6.46 4.24
C GLU A 41 4.57 5.69 3.49
N ASP A 42 4.94 4.48 3.95
CA ASP A 42 5.88 3.58 3.26
C ASP A 42 5.29 2.96 1.98
N PHE A 43 3.96 3.08 1.78
CA PHE A 43 3.22 2.54 0.63
C PHE A 43 2.46 3.63 -0.15
N LEU A 44 2.26 4.81 0.47
CA LEU A 44 1.61 5.99 -0.09
C LEU A 44 2.28 6.52 -1.36
N ILE A 45 1.45 6.97 -2.30
CA ILE A 45 1.88 7.59 -3.58
C ILE A 45 1.29 8.99 -3.88
N LYS A 46 0.34 9.51 -3.06
CA LYS A 46 -0.22 10.87 -3.20
C LYS A 46 -0.28 11.62 -1.85
N GLU A 47 -1.33 11.40 -1.05
CA GLU A 47 -1.54 12.06 0.24
C GLU A 47 -2.53 11.26 1.12
N LEU A 48 -2.32 11.24 2.44
CA LEU A 48 -3.16 10.54 3.41
C LEU A 48 -4.50 11.27 3.64
N GLU A 49 -5.58 10.50 3.83
CA GLU A 49 -6.95 10.96 4.12
C GLU A 49 -7.68 10.03 5.11
N ALA A 1 -16.92 -0.48 -10.60
CA ALA A 1 -16.05 0.73 -10.57
C ALA A 1 -15.67 1.14 -9.13
N ALA A 2 -14.57 1.88 -8.97
CA ALA A 2 -14.06 2.37 -7.68
C ALA A 2 -13.34 3.73 -7.82
N ARG A 3 -13.04 4.39 -6.68
CA ARG A 3 -12.25 5.64 -6.61
C ARG A 3 -10.79 5.43 -7.04
N PRO A 4 -10.07 6.50 -7.46
CA PRO A 4 -8.62 6.44 -7.71
C PRO A 4 -7.79 5.90 -6.54
N ALA A 5 -6.66 5.26 -6.84
CA ALA A 5 -5.70 4.78 -5.84
C ALA A 5 -4.90 5.91 -5.17
N LYS A 6 -4.27 5.58 -4.03
CA LYS A 6 -3.29 6.39 -3.29
C LYS A 6 -2.08 5.58 -2.78
N TYR A 7 -2.18 4.26 -2.71
CA TYR A 7 -1.16 3.38 -2.12
C TYR A 7 -0.78 2.27 -3.10
N SER A 8 0.44 1.73 -2.99
CA SER A 8 0.99 0.68 -3.87
C SER A 8 1.93 -0.26 -3.10
N TYR A 9 1.96 -1.53 -3.51
CA TYR A 9 2.81 -2.57 -2.90
C TYR A 9 3.30 -3.63 -3.91
N VAL A 10 4.18 -4.53 -3.44
CA VAL A 10 4.96 -5.49 -4.23
C VAL A 10 4.70 -6.96 -3.82
N ASP A 11 5.29 -7.91 -4.56
CA ASP A 11 5.28 -9.34 -4.19
C ASP A 11 6.66 -10.01 -4.38
N GLU A 12 7.31 -9.84 -5.54
CA GLU A 12 8.68 -10.32 -5.78
C GLU A 12 9.45 -9.45 -6.81
N ASN A 13 8.95 -9.40 -8.06
CA ASN A 13 9.68 -8.78 -9.18
C ASN A 13 9.65 -7.23 -9.19
N GLY A 14 8.68 -6.63 -8.49
CA GLY A 14 8.41 -5.18 -8.52
C GLY A 14 7.01 -4.84 -8.01
N GLU A 15 6.53 -3.62 -8.30
CA GLU A 15 5.15 -3.19 -8.05
C GLU A 15 4.12 -4.22 -8.58
N THR A 16 3.18 -4.62 -7.72
CA THR A 16 2.23 -5.71 -7.99
C THR A 16 0.77 -5.24 -8.00
N LYS A 17 0.35 -4.42 -7.01
CA LYS A 17 -1.04 -3.98 -6.81
C LYS A 17 -1.11 -2.62 -6.10
N THR A 18 -2.27 -1.98 -6.17
CA THR A 18 -2.57 -0.65 -5.61
C THR A 18 -3.88 -0.65 -4.79
N TRP A 19 -4.07 0.41 -3.98
CA TRP A 19 -5.20 0.54 -3.04
C TRP A 19 -5.64 2.00 -2.86
N THR A 20 -6.88 2.21 -2.42
CA THR A 20 -7.58 3.49 -2.34
C THR A 20 -7.61 4.10 -0.93
N GLY A 21 -7.31 3.31 0.10
CA GLY A 21 -7.50 3.69 1.51
C GLY A 21 -8.88 3.30 2.09
N GLN A 22 -9.66 2.46 1.38
CA GLN A 22 -11.04 2.09 1.74
C GLN A 22 -11.21 0.57 1.92
N GLY A 23 -12.25 0.16 2.64
CA GLY A 23 -12.50 -1.25 2.99
C GLY A 23 -11.58 -1.72 4.14
N ARG A 24 -10.55 -2.51 3.83
CA ARG A 24 -9.47 -2.91 4.76
C ARG A 24 -8.10 -2.86 4.06
N THR A 25 -7.04 -2.64 4.84
CA THR A 25 -5.64 -2.58 4.37
C THR A 25 -5.21 -3.90 3.69
N PRO A 26 -4.58 -3.87 2.49
CA PRO A 26 -4.02 -5.03 1.82
C PRO A 26 -3.11 -5.89 2.71
N ALA A 27 -3.18 -7.22 2.55
CA ALA A 27 -2.50 -8.17 3.43
C ALA A 27 -0.97 -7.96 3.51
N VAL A 28 -0.30 -7.71 2.39
CA VAL A 28 1.16 -7.46 2.36
C VAL A 28 1.52 -6.17 3.12
N ILE A 29 0.76 -5.09 2.91
CA ILE A 29 0.95 -3.81 3.61
C ILE A 29 0.77 -4.01 5.12
N LYS A 30 -0.33 -4.67 5.54
CA LYS A 30 -0.60 -5.02 6.95
C LYS A 30 0.56 -5.82 7.54
N LYS A 31 1.00 -6.88 6.85
CA LYS A 31 2.03 -7.80 7.35
C LYS A 31 3.39 -7.11 7.49
N ALA A 32 3.77 -6.27 6.54
CA ALA A 32 4.98 -5.45 6.62
C ALA A 32 4.93 -4.46 7.80
N MET A 33 3.79 -3.78 8.02
CA MET A 33 3.60 -2.86 9.15
C MET A 33 3.74 -3.57 10.51
N GLU A 34 3.11 -4.73 10.72
CA GLU A 34 3.18 -5.45 12.01
C GLU A 34 4.50 -6.22 12.24
N GLU A 35 5.14 -6.75 11.20
CA GLU A 35 6.38 -7.54 11.33
C GLU A 35 7.68 -6.70 11.35
N GLN A 36 7.67 -5.52 10.72
CA GLN A 36 8.89 -4.69 10.53
C GLN A 36 8.79 -3.29 11.19
N GLY A 37 7.67 -2.97 11.84
CA GLY A 37 7.41 -1.66 12.45
C GLY A 37 7.20 -0.51 11.45
N LYS A 38 6.95 -0.84 10.16
CA LYS A 38 6.63 0.12 9.09
C LYS A 38 5.32 0.89 9.33
N GLN A 39 5.11 1.94 8.54
CA GLN A 39 3.91 2.78 8.54
C GLN A 39 3.37 2.92 7.10
N LEU A 40 2.06 3.18 6.95
CA LEU A 40 1.36 3.17 5.66
C LEU A 40 1.93 4.17 4.64
N GLU A 41 2.55 5.25 5.10
CA GLU A 41 3.26 6.23 4.26
C GLU A 41 4.44 5.64 3.47
N ASP A 42 4.99 4.47 3.89
CA ASP A 42 5.98 3.73 3.09
C ASP A 42 5.37 3.14 1.79
N PHE A 43 4.03 3.08 1.71
CA PHE A 43 3.24 2.52 0.60
C PHE A 43 2.35 3.58 -0.07
N LEU A 44 2.02 4.68 0.63
CA LEU A 44 1.36 5.87 0.10
C LEU A 44 2.27 6.53 -0.96
N ILE A 45 1.78 6.65 -2.20
CA ILE A 45 2.56 7.12 -3.36
C ILE A 45 2.02 8.32 -4.13
N LYS A 46 0.73 8.68 -4.02
CA LYS A 46 0.14 9.81 -4.80
C LYS A 46 0.67 11.20 -4.38
N GLU A 47 1.04 11.35 -3.09
CA GLU A 47 1.35 12.66 -2.49
C GLU A 47 2.77 12.75 -1.89
N LEU A 48 3.62 11.73 -2.10
CA LEU A 48 4.94 11.57 -1.47
C LEU A 48 6.06 11.23 -2.47
N GLU A 49 5.88 11.62 -3.74
CA GLU A 49 6.84 11.50 -4.86
C GLU A 49 6.86 12.75 -5.76
N ALA A 1 -9.95 9.63 -13.65
CA ALA A 1 -10.91 8.91 -12.76
C ALA A 1 -11.24 9.75 -11.51
N ALA A 2 -12.49 9.67 -11.02
CA ALA A 2 -12.98 10.46 -9.87
C ALA A 2 -12.47 9.98 -8.49
N ARG A 3 -12.05 8.71 -8.38
CA ARG A 3 -11.64 8.04 -7.13
C ARG A 3 -10.34 7.22 -7.31
N PRO A 4 -9.19 7.88 -7.58
CA PRO A 4 -7.90 7.21 -7.78
C PRO A 4 -7.36 6.56 -6.50
N ALA A 5 -6.40 5.64 -6.66
CA ALA A 5 -5.71 4.97 -5.55
C ALA A 5 -4.88 5.93 -4.65
N LYS A 6 -4.47 5.42 -3.49
CA LYS A 6 -3.78 6.17 -2.41
C LYS A 6 -2.49 5.48 -1.93
N TYR A 7 -2.37 4.17 -2.08
CA TYR A 7 -1.20 3.39 -1.70
C TYR A 7 -0.89 2.31 -2.77
N SER A 8 0.34 1.81 -2.83
CA SER A 8 0.75 0.71 -3.72
C SER A 8 1.87 -0.14 -3.14
N TYR A 9 1.97 -1.42 -3.55
CA TYR A 9 2.99 -2.36 -3.07
C TYR A 9 3.56 -3.28 -4.15
N VAL A 10 4.66 -3.96 -3.78
CA VAL A 10 5.57 -4.73 -4.64
C VAL A 10 5.83 -6.13 -4.07
N ASP A 11 6.26 -7.07 -4.92
CA ASP A 11 6.62 -8.44 -4.56
C ASP A 11 7.74 -8.98 -5.50
N GLU A 12 8.09 -10.26 -5.42
CA GLU A 12 9.15 -10.87 -6.24
C GLU A 12 8.86 -10.80 -7.76
N ASN A 13 7.58 -10.79 -8.15
CA ASN A 13 7.12 -10.56 -9.52
C ASN A 13 7.28 -9.10 -10.03
N GLY A 14 7.68 -8.16 -9.17
CA GLY A 14 7.79 -6.73 -9.47
C GLY A 14 6.66 -5.89 -8.85
N GLU A 15 6.37 -4.73 -9.44
CA GLU A 15 5.19 -3.92 -9.09
C GLU A 15 3.94 -4.81 -9.08
N THR A 16 3.18 -4.78 -7.98
CA THR A 16 2.11 -5.74 -7.72
C THR A 16 0.71 -5.15 -7.74
N LYS A 17 0.31 -4.35 -6.75
CA LYS A 17 -1.09 -3.89 -6.57
C LYS A 17 -1.21 -2.51 -5.92
N THR A 18 -2.42 -1.95 -5.94
CA THR A 18 -2.80 -0.63 -5.40
C THR A 18 -4.00 -0.72 -4.46
N TRP A 19 -4.17 0.30 -3.60
CA TRP A 19 -5.23 0.39 -2.58
C TRP A 19 -5.61 1.85 -2.29
N THR A 20 -6.80 2.09 -1.74
CA THR A 20 -7.36 3.44 -1.52
C THR A 20 -7.67 3.74 -0.04
N GLY A 21 -7.64 2.73 0.83
CA GLY A 21 -7.90 2.84 2.27
C GLY A 21 -9.21 2.17 2.74
N GLN A 22 -10.13 1.91 1.81
CA GLN A 22 -11.41 1.22 2.07
C GLN A 22 -11.21 -0.29 2.33
N GLY A 23 -12.04 -0.87 3.20
CA GLY A 23 -12.03 -2.31 3.51
C GLY A 23 -10.83 -2.78 4.36
N ARG A 24 -10.70 -4.11 4.50
CA ARG A 24 -9.58 -4.75 5.22
C ARG A 24 -8.23 -4.42 4.56
N THR A 25 -7.23 -4.11 5.39
CA THR A 25 -5.84 -3.81 4.97
C THR A 25 -5.24 -4.93 4.10
N PRO A 26 -4.67 -4.64 2.91
CA PRO A 26 -4.03 -5.64 2.05
C PRO A 26 -2.93 -6.44 2.75
N ALA A 27 -2.74 -7.71 2.37
CA ALA A 27 -1.87 -8.66 3.07
C ALA A 27 -0.42 -8.16 3.25
N VAL A 28 0.21 -7.61 2.20
CA VAL A 28 1.58 -7.08 2.28
C VAL A 28 1.67 -5.87 3.21
N ILE A 29 0.69 -4.95 3.13
CA ILE A 29 0.59 -3.76 4.00
C ILE A 29 0.41 -4.17 5.47
N LYS A 30 -0.50 -5.11 5.75
CA LYS A 30 -0.77 -5.72 7.06
C LYS A 30 0.51 -6.28 7.68
N LYS A 31 1.21 -7.12 6.91
CA LYS A 31 2.44 -7.81 7.33
C LYS A 31 3.59 -6.83 7.61
N ALA A 32 3.78 -5.84 6.73
CA ALA A 32 4.83 -4.83 6.85
C ALA A 32 4.65 -3.92 8.07
N MET A 33 3.41 -3.52 8.39
CA MET A 33 3.16 -2.69 9.58
C MET A 33 3.33 -3.46 10.90
N GLU A 34 2.83 -4.70 11.00
CA GLU A 34 2.81 -5.45 12.26
C GLU A 34 4.09 -6.24 12.55
N GLU A 35 4.77 -6.78 11.52
CA GLU A 35 5.93 -7.68 11.68
C GLU A 35 7.26 -7.11 11.15
N GLN A 36 7.22 -5.98 10.43
CA GLN A 36 8.42 -5.20 10.03
C GLN A 36 8.39 -3.74 10.55
N GLY A 37 7.34 -3.34 11.27
CA GLY A 37 7.27 -2.06 12.00
C GLY A 37 7.09 -0.81 11.13
N LYS A 38 6.77 -0.95 9.83
CA LYS A 38 6.56 0.18 8.91
C LYS A 38 5.19 0.84 9.09
N GLN A 39 4.88 1.86 8.29
CA GLN A 39 3.60 2.58 8.25
C GLN A 39 3.18 2.83 6.79
N LEU A 40 1.93 3.26 6.56
CA LEU A 40 1.35 3.41 5.21
C LEU A 40 2.14 4.39 4.32
N GLU A 41 2.84 5.36 4.91
CA GLU A 41 3.65 6.32 4.18
C GLU A 41 4.76 5.68 3.32
N ASP A 42 5.25 4.49 3.69
CA ASP A 42 6.19 3.72 2.86
C ASP A 42 5.58 3.21 1.54
N PHE A 43 4.24 3.24 1.44
CA PHE A 43 3.42 2.73 0.34
C PHE A 43 2.52 3.80 -0.31
N LEU A 44 2.31 4.92 0.37
CA LEU A 44 1.55 6.11 -0.04
C LEU A 44 2.08 6.71 -1.36
N ILE A 45 1.14 7.07 -2.25
CA ILE A 45 1.40 7.59 -3.60
C ILE A 45 0.76 8.97 -3.94
N LYS A 46 -0.11 9.52 -3.05
CA LYS A 46 -0.94 10.69 -3.37
C LYS A 46 -0.91 11.79 -2.29
N GLU A 47 -1.61 11.60 -1.18
CA GLU A 47 -1.77 12.60 -0.11
C GLU A 47 -2.17 11.93 1.23
N LEU A 48 -1.64 12.40 2.36
CA LEU A 48 -1.91 11.85 3.70
C LEU A 48 -1.93 12.92 4.82
N GLU A 49 -2.28 14.17 4.45
CA GLU A 49 -2.29 15.36 5.32
C GLU A 49 -3.52 16.26 5.06
N ALA A 1 -19.85 9.64 -8.45
CA ALA A 1 -18.81 9.38 -7.41
C ALA A 1 -17.67 8.50 -7.96
N ALA A 2 -16.47 8.59 -7.37
CA ALA A 2 -15.28 7.83 -7.75
C ALA A 2 -14.35 7.55 -6.53
N ARG A 3 -13.37 6.65 -6.71
CA ARG A 3 -12.37 6.27 -5.69
C ARG A 3 -10.97 6.01 -6.29
N PRO A 4 -10.24 7.07 -6.69
CA PRO A 4 -8.85 6.95 -7.17
C PRO A 4 -7.90 6.21 -6.20
N ALA A 5 -6.81 5.63 -6.73
CA ALA A 5 -5.75 5.03 -5.92
C ALA A 5 -5.02 6.06 -5.04
N LYS A 6 -4.47 5.59 -3.91
CA LYS A 6 -3.65 6.35 -2.95
C LYS A 6 -2.46 5.56 -2.39
N TYR A 7 -2.40 4.24 -2.63
CA TYR A 7 -1.37 3.33 -2.13
C TYR A 7 -0.93 2.33 -3.22
N SER A 8 0.29 1.80 -3.09
CA SER A 8 0.86 0.74 -3.95
C SER A 8 1.80 -0.17 -3.18
N TYR A 9 1.87 -1.45 -3.56
CA TYR A 9 2.81 -2.43 -2.98
C TYR A 9 3.45 -3.37 -4.01
N VAL A 10 4.58 -3.96 -3.58
CA VAL A 10 5.55 -4.73 -4.38
C VAL A 10 5.81 -6.10 -3.73
N ASP A 11 6.20 -7.10 -4.52
CA ASP A 11 6.57 -8.45 -4.08
C ASP A 11 7.76 -8.99 -4.92
N GLU A 12 8.12 -10.27 -4.77
CA GLU A 12 9.30 -10.89 -5.39
C GLU A 12 9.36 -10.73 -6.93
N ASN A 13 8.19 -10.83 -7.58
CA ASN A 13 8.03 -10.72 -9.02
C ASN A 13 8.08 -9.27 -9.56
N GLY A 14 8.00 -8.26 -8.68
CA GLY A 14 7.96 -6.83 -9.03
C GLY A 14 6.78 -6.09 -8.41
N GLU A 15 6.47 -4.91 -8.94
CA GLU A 15 5.25 -4.15 -8.63
C GLU A 15 4.01 -5.07 -8.72
N THR A 16 3.18 -5.06 -7.67
CA THR A 16 2.10 -6.04 -7.50
C THR A 16 0.71 -5.44 -7.65
N LYS A 17 0.28 -4.53 -6.75
CA LYS A 17 -1.10 -3.98 -6.73
C LYS A 17 -1.15 -2.57 -6.13
N THR A 18 -2.27 -1.88 -6.37
CA THR A 18 -2.62 -0.57 -5.82
C THR A 18 -3.91 -0.63 -4.98
N TRP A 19 -4.12 0.38 -4.12
CA TRP A 19 -5.24 0.47 -3.20
C TRP A 19 -5.65 1.94 -2.96
N THR A 20 -6.88 2.17 -2.53
CA THR A 20 -7.52 3.51 -2.40
C THR A 20 -7.46 4.08 -0.98
N GLY A 21 -7.26 3.23 0.02
CA GLY A 21 -7.39 3.55 1.45
C GLY A 21 -8.74 3.13 2.05
N GLN A 22 -9.71 2.72 1.22
CA GLN A 22 -11.04 2.25 1.63
C GLN A 22 -11.01 0.78 2.08
N GLY A 23 -11.80 0.42 3.10
CA GLY A 23 -11.87 -0.94 3.65
C GLY A 23 -10.61 -1.36 4.42
N ARG A 24 -10.50 -2.66 4.74
CA ARG A 24 -9.33 -3.26 5.41
C ARG A 24 -8.04 -3.10 4.60
N THR A 25 -6.91 -2.94 5.30
CA THR A 25 -5.56 -2.81 4.72
C THR A 25 -5.15 -4.07 3.94
N PRO A 26 -4.61 -3.97 2.71
CA PRO A 26 -4.06 -5.10 1.95
C PRO A 26 -3.02 -5.92 2.73
N ALA A 27 -3.01 -7.23 2.52
CA ALA A 27 -2.23 -8.18 3.34
C ALA A 27 -0.72 -7.86 3.41
N VAL A 28 -0.06 -7.58 2.28
CA VAL A 28 1.38 -7.25 2.26
C VAL A 28 1.66 -5.97 3.06
N ILE A 29 0.82 -4.95 2.89
CA ILE A 29 0.92 -3.68 3.64
C ILE A 29 0.72 -3.95 5.15
N LYS A 30 -0.35 -4.67 5.53
CA LYS A 30 -0.67 -4.94 6.95
C LYS A 30 0.43 -5.75 7.66
N LYS A 31 0.98 -6.75 6.95
CA LYS A 31 2.12 -7.57 7.42
C LYS A 31 3.40 -6.75 7.59
N ALA A 32 3.68 -5.80 6.70
CA ALA A 32 4.81 -4.90 6.86
C ALA A 32 4.69 -4.01 8.12
N MET A 33 3.48 -3.63 8.53
CA MET A 33 3.26 -2.90 9.78
C MET A 33 3.63 -3.75 11.01
N GLU A 34 3.12 -4.99 11.10
CA GLU A 34 3.28 -5.81 12.31
C GLU A 34 4.56 -6.68 12.35
N GLU A 35 5.16 -7.02 11.20
CA GLU A 35 6.34 -7.89 11.09
C GLU A 35 7.64 -7.15 10.69
N GLN A 36 7.54 -5.92 10.17
CA GLN A 36 8.68 -5.11 9.71
C GLN A 36 8.70 -3.68 10.29
N GLY A 37 7.74 -3.33 11.16
CA GLY A 37 7.69 -2.05 11.87
C GLY A 37 7.42 -0.82 11.00
N LYS A 38 6.86 -1.00 9.80
CA LYS A 38 6.53 0.10 8.87
C LYS A 38 5.39 1.01 9.38
N GLN A 39 5.12 2.06 8.61
CA GLN A 39 3.97 2.97 8.72
C GLN A 39 3.34 3.15 7.32
N LEU A 40 2.08 3.59 7.25
CA LEU A 40 1.28 3.65 6.00
C LEU A 40 1.96 4.49 4.89
N GLU A 41 2.70 5.53 5.29
CA GLU A 41 3.46 6.39 4.36
C GLU A 41 4.54 5.65 3.55
N ASP A 42 4.99 4.46 3.98
CA ASP A 42 5.92 3.63 3.20
C ASP A 42 5.28 3.08 1.89
N PHE A 43 3.93 3.03 1.84
CA PHE A 43 3.14 2.48 0.73
C PHE A 43 2.19 3.51 0.10
N LEU A 44 1.92 4.62 0.78
CA LEU A 44 1.15 5.77 0.29
C LEU A 44 1.90 6.48 -0.87
N ILE A 45 1.15 6.93 -1.88
CA ILE A 45 1.71 7.55 -3.12
C ILE A 45 1.08 8.88 -3.57
N LYS A 46 -0.09 9.29 -3.04
CA LYS A 46 -0.87 10.44 -3.59
C LYS A 46 -1.43 11.43 -2.54
N GLU A 47 -0.89 11.43 -1.33
CA GLU A 47 -1.25 12.37 -0.24
C GLU A 47 -0.01 12.77 0.60
N LEU A 48 1.08 13.17 -0.08
CA LEU A 48 2.36 13.55 0.53
C LEU A 48 2.85 14.96 0.11
N GLU A 49 1.96 15.78 -0.43
CA GLU A 49 2.21 17.18 -0.84
C GLU A 49 2.70 18.09 0.31
N ALA A 1 -13.16 5.70 -18.65
CA ALA A 1 -12.97 4.96 -17.38
C ALA A 1 -11.53 5.11 -16.85
N ALA A 2 -11.34 4.98 -15.53
CA ALA A 2 -10.05 5.08 -14.83
C ALA A 2 -9.98 4.18 -13.58
N ARG A 3 -8.77 4.02 -13.02
CA ARG A 3 -8.46 3.20 -11.83
C ARG A 3 -7.52 3.94 -10.86
N PRO A 4 -7.94 5.09 -10.28
CA PRO A 4 -7.12 5.87 -9.35
C PRO A 4 -6.84 5.13 -8.03
N ALA A 5 -5.76 5.54 -7.33
CA ALA A 5 -5.31 4.95 -6.07
C ALA A 5 -4.53 5.96 -5.20
N LYS A 6 -4.20 5.55 -3.96
CA LYS A 6 -3.46 6.33 -2.95
C LYS A 6 -2.27 5.57 -2.36
N TYR A 7 -2.24 4.25 -2.45
CA TYR A 7 -1.12 3.41 -2.00
C TYR A 7 -0.80 2.30 -3.02
N SER A 8 0.42 1.76 -2.99
CA SER A 8 0.91 0.71 -3.90
C SER A 8 1.90 -0.22 -3.18
N TYR A 9 1.92 -1.50 -3.56
CA TYR A 9 2.79 -2.52 -2.96
C TYR A 9 3.42 -3.49 -3.98
N VAL A 10 4.47 -4.19 -3.52
CA VAL A 10 5.40 -5.01 -4.32
C VAL A 10 5.39 -6.47 -3.85
N ASP A 11 5.68 -7.37 -4.79
CA ASP A 11 5.86 -8.81 -4.58
C ASP A 11 6.93 -9.34 -5.57
N GLU A 12 7.03 -10.65 -5.82
CA GLU A 12 7.99 -11.23 -6.78
C GLU A 12 7.81 -10.73 -8.23
N ASN A 13 6.64 -10.20 -8.57
CA ASN A 13 6.35 -9.55 -9.85
C ASN A 13 7.00 -8.16 -10.01
N GLY A 14 7.52 -7.58 -8.93
CA GLY A 14 7.95 -6.18 -8.84
C GLY A 14 6.75 -5.37 -8.33
N GLU A 15 6.49 -4.17 -8.86
CA GLU A 15 5.23 -3.46 -8.59
C GLU A 15 4.05 -4.40 -8.89
N THR A 16 3.18 -4.61 -7.89
CA THR A 16 2.17 -5.67 -7.91
C THR A 16 0.72 -5.16 -7.89
N LYS A 17 0.31 -4.41 -6.86
CA LYS A 17 -1.09 -3.99 -6.63
C LYS A 17 -1.19 -2.63 -5.94
N THR A 18 -2.38 -2.03 -5.98
CA THR A 18 -2.69 -0.68 -5.48
C THR A 18 -3.97 -0.64 -4.63
N TRP A 19 -4.15 0.42 -3.85
CA TRP A 19 -5.23 0.58 -2.88
C TRP A 19 -5.63 2.05 -2.69
N THR A 20 -6.85 2.30 -2.23
CA THR A 20 -7.45 3.64 -2.05
C THR A 20 -7.57 4.08 -0.58
N GLY A 21 -7.49 3.14 0.37
CA GLY A 21 -7.79 3.35 1.80
C GLY A 21 -9.15 2.77 2.24
N GLN A 22 -10.01 2.37 1.28
CA GLN A 22 -11.32 1.75 1.57
C GLN A 22 -11.17 0.30 2.08
N GLY A 23 -12.01 -0.11 3.03
CA GLY A 23 -11.98 -1.44 3.63
C GLY A 23 -10.73 -1.71 4.51
N ARG A 24 -10.50 -2.98 4.86
CA ARG A 24 -9.33 -3.42 5.64
C ARG A 24 -8.02 -3.26 4.82
N THR A 25 -6.91 -3.04 5.52
CA THR A 25 -5.56 -2.89 4.94
C THR A 25 -5.15 -4.13 4.12
N PRO A 26 -4.59 -3.97 2.89
CA PRO A 26 -4.06 -5.07 2.07
C PRO A 26 -3.06 -5.96 2.82
N ALA A 27 -3.06 -7.28 2.54
CA ALA A 27 -2.31 -8.27 3.31
C ALA A 27 -0.80 -7.98 3.39
N VAL A 28 -0.16 -7.62 2.27
CA VAL A 28 1.28 -7.30 2.26
C VAL A 28 1.60 -6.07 3.12
N ILE A 29 0.76 -5.02 3.02
CA ILE A 29 0.90 -3.80 3.82
C ILE A 29 0.69 -4.11 5.32
N LYS A 30 -0.38 -4.84 5.68
CA LYS A 30 -0.68 -5.18 7.08
C LYS A 30 0.43 -6.02 7.72
N LYS A 31 0.97 -6.98 6.98
CA LYS A 31 2.09 -7.83 7.44
C LYS A 31 3.39 -7.04 7.61
N ALA A 32 3.69 -6.10 6.71
CA ALA A 32 4.82 -5.19 6.88
C ALA A 32 4.67 -4.26 8.10
N MET A 33 3.47 -3.73 8.35
CA MET A 33 3.17 -2.95 9.56
C MET A 33 3.39 -3.76 10.85
N GLU A 34 2.94 -5.02 10.88
CA GLU A 34 3.08 -5.91 12.04
C GLU A 34 4.50 -6.47 12.26
N GLU A 35 5.24 -6.80 11.19
CA GLU A 35 6.52 -7.54 11.27
C GLU A 35 7.78 -6.67 11.05
N GLN A 36 7.62 -5.46 10.50
CA GLN A 36 8.72 -4.49 10.29
C GLN A 36 8.47 -3.14 11.00
N GLY A 37 7.36 -3.00 11.74
CA GLY A 37 6.97 -1.77 12.46
C GLY A 37 6.62 -0.59 11.56
N LYS A 38 6.35 -0.85 10.27
CA LYS A 38 6.08 0.17 9.22
C LYS A 38 4.73 0.89 9.38
N GLN A 39 4.56 1.93 8.56
CA GLN A 39 3.36 2.75 8.41
C GLN A 39 2.97 2.91 6.93
N LEU A 40 1.74 3.35 6.66
CA LEU A 40 1.21 3.43 5.28
C LEU A 40 2.01 4.36 4.36
N GLU A 41 2.71 5.35 4.90
CA GLU A 41 3.59 6.25 4.12
C GLU A 41 4.73 5.51 3.40
N ASP A 42 5.12 4.30 3.86
CA ASP A 42 6.05 3.44 3.10
C ASP A 42 5.46 2.92 1.76
N PHE A 43 4.13 3.00 1.61
CA PHE A 43 3.35 2.48 0.47
C PHE A 43 2.53 3.57 -0.24
N LEU A 44 2.31 4.73 0.40
CA LEU A 44 1.67 5.92 -0.15
C LEU A 44 2.31 6.42 -1.46
N ILE A 45 1.47 6.88 -2.40
CA ILE A 45 1.90 7.39 -3.73
C ILE A 45 1.45 8.82 -4.07
N LYS A 46 0.65 9.50 -3.22
CA LYS A 46 0.18 10.88 -3.45
C LYS A 46 0.33 11.75 -2.19
N GLU A 47 -0.62 11.67 -1.26
CA GLU A 47 -0.68 12.43 0.00
C GLU A 47 -1.58 11.70 1.00
N LEU A 48 -1.25 11.71 2.30
CA LEU A 48 -1.92 10.93 3.34
C LEU A 48 -3.28 11.56 3.80
N GLU A 49 -4.03 12.13 2.86
CA GLU A 49 -5.38 12.70 3.05
C GLU A 49 -6.43 11.69 3.57
N ALA A 1 -6.13 6.78 -18.24
CA ALA A 1 -6.66 6.04 -17.07
C ALA A 1 -7.91 6.72 -16.48
N ALA A 2 -8.77 5.96 -15.79
CA ALA A 2 -10.07 6.42 -15.27
C ALA A 2 -10.40 5.92 -13.84
N ARG A 3 -9.40 5.47 -13.09
CA ARG A 3 -9.54 4.89 -11.73
C ARG A 3 -8.35 5.28 -10.82
N PRO A 4 -8.38 6.49 -10.22
CA PRO A 4 -7.35 6.99 -9.29
C PRO A 4 -7.03 6.05 -8.11
N ALA A 5 -5.86 6.26 -7.49
CA ALA A 5 -5.37 5.55 -6.31
C ALA A 5 -4.46 6.45 -5.44
N LYS A 6 -4.04 5.97 -4.25
CA LYS A 6 -3.13 6.69 -3.34
C LYS A 6 -1.99 5.85 -2.78
N TYR A 7 -2.11 4.52 -2.80
CA TYR A 7 -1.13 3.59 -2.21
C TYR A 7 -0.77 2.48 -3.22
N SER A 8 0.30 1.74 -2.99
CA SER A 8 0.66 0.52 -3.75
C SER A 8 1.52 -0.45 -2.95
N TYR A 9 1.60 -1.71 -3.38
CA TYR A 9 2.49 -2.72 -2.80
C TYR A 9 3.08 -3.69 -3.82
N VAL A 10 4.00 -4.53 -3.35
CA VAL A 10 4.91 -5.41 -4.12
C VAL A 10 4.68 -6.91 -3.84
N ASP A 11 5.12 -7.77 -4.78
CA ASP A 11 5.20 -9.23 -4.67
C ASP A 11 6.37 -9.78 -5.53
N GLU A 12 6.44 -11.09 -5.78
CA GLU A 12 7.55 -11.76 -6.49
C GLU A 12 7.83 -11.20 -7.89
N ASN A 13 6.76 -10.80 -8.62
CA ASN A 13 6.85 -10.22 -9.97
C ASN A 13 7.45 -8.80 -10.01
N GLY A 14 7.52 -8.12 -8.86
CA GLY A 14 7.84 -6.69 -8.73
C GLY A 14 6.64 -5.98 -8.08
N GLU A 15 6.42 -4.70 -8.38
CA GLU A 15 5.18 -4.00 -7.98
C GLU A 15 3.94 -4.82 -8.40
N THR A 16 3.03 -5.09 -7.45
CA THR A 16 1.92 -6.03 -7.68
C THR A 16 0.59 -5.34 -7.92
N LYS A 17 0.23 -4.31 -7.12
CA LYS A 17 -0.97 -3.46 -7.39
C LYS A 17 -1.01 -2.14 -6.62
N THR A 18 -1.97 -1.29 -6.97
CA THR A 18 -2.34 -0.04 -6.29
C THR A 18 -3.58 -0.21 -5.39
N TRP A 19 -3.84 0.76 -4.50
CA TRP A 19 -4.97 0.77 -3.56
C TRP A 19 -5.45 2.20 -3.26
N THR A 20 -6.70 2.34 -2.82
CA THR A 20 -7.40 3.64 -2.64
C THR A 20 -7.60 4.05 -1.18
N GLY A 21 -7.40 3.13 -0.23
CA GLY A 21 -7.74 3.30 1.19
C GLY A 21 -9.10 2.69 1.58
N GLN A 22 -9.92 2.26 0.60
CA GLN A 22 -11.23 1.63 0.83
C GLN A 22 -11.07 0.16 1.29
N GLY A 23 -11.94 -0.29 2.20
CA GLY A 23 -11.87 -1.63 2.80
C GLY A 23 -10.72 -1.80 3.81
N ARG A 24 -10.49 -3.05 4.24
CA ARG A 24 -9.37 -3.41 5.14
C ARG A 24 -8.01 -3.25 4.43
N THR A 25 -6.96 -2.97 5.21
CA THR A 25 -5.57 -2.82 4.72
C THR A 25 -5.08 -4.06 3.96
N PRO A 26 -4.47 -3.92 2.76
CA PRO A 26 -3.91 -5.04 1.99
C PRO A 26 -2.94 -5.92 2.79
N ALA A 27 -2.96 -7.23 2.53
CA ALA A 27 -2.25 -8.23 3.33
C ALA A 27 -0.75 -7.98 3.50
N VAL A 28 -0.03 -7.61 2.43
CA VAL A 28 1.41 -7.32 2.50
C VAL A 28 1.71 -6.05 3.31
N ILE A 29 0.90 -5.01 3.14
CA ILE A 29 1.00 -3.76 3.93
C ILE A 29 0.77 -4.06 5.42
N LYS A 30 -0.27 -4.84 5.74
CA LYS A 30 -0.55 -5.34 7.10
C LYS A 30 0.63 -6.14 7.67
N LYS A 31 1.23 -7.04 6.87
CA LYS A 31 2.41 -7.82 7.27
C LYS A 31 3.61 -6.94 7.58
N ALA A 32 3.85 -5.90 6.78
CA ALA A 32 4.89 -4.90 7.02
C ALA A 32 4.65 -4.07 8.31
N MET A 33 3.39 -3.73 8.61
CA MET A 33 3.03 -3.05 9.86
C MET A 33 3.36 -3.87 11.12
N GLU A 34 3.25 -5.22 11.06
CA GLU A 34 3.44 -6.10 12.22
C GLU A 34 4.82 -6.80 12.30
N GLU A 35 5.53 -7.01 11.18
CA GLU A 35 6.87 -7.65 11.14
C GLU A 35 8.03 -6.71 10.77
N GLN A 36 7.75 -5.54 10.18
CA GLN A 36 8.76 -4.49 9.91
C GLN A 36 8.50 -3.20 10.70
N GLY A 37 7.41 -3.14 11.51
CA GLY A 37 7.01 -1.98 12.31
C GLY A 37 6.65 -0.73 11.50
N LYS A 38 6.33 -0.89 10.20
CA LYS A 38 6.10 0.21 9.24
C LYS A 38 4.76 0.93 9.44
N GLN A 39 4.64 2.08 8.77
CA GLN A 39 3.42 2.90 8.68
C GLN A 39 3.00 3.03 7.20
N LEU A 40 1.74 3.38 6.95
CA LEU A 40 1.13 3.36 5.62
C LEU A 40 1.79 4.32 4.62
N GLU A 41 2.43 5.39 5.10
CA GLU A 41 3.19 6.34 4.27
C GLU A 41 4.37 5.70 3.53
N ASP A 42 4.90 4.57 3.98
CA ASP A 42 5.90 3.79 3.21
C ASP A 42 5.32 3.20 1.90
N PHE A 43 3.98 3.12 1.81
CA PHE A 43 3.22 2.54 0.71
C PHE A 43 2.32 3.58 -0.01
N LEU A 44 2.09 4.75 0.61
CA LEU A 44 1.46 5.93 0.02
C LEU A 44 2.39 6.51 -1.07
N ILE A 45 1.86 6.65 -2.30
CA ILE A 45 2.64 7.03 -3.50
C ILE A 45 2.14 8.27 -4.28
N LYS A 46 0.92 8.79 -4.02
CA LYS A 46 0.38 9.95 -4.75
C LYS A 46 1.13 11.25 -4.44
N GLU A 47 1.29 11.57 -3.15
CA GLU A 47 1.88 12.82 -2.67
C GLU A 47 2.37 12.68 -1.21
N LEU A 48 3.60 13.13 -0.93
CA LEU A 48 4.22 13.13 0.42
C LEU A 48 4.98 14.45 0.72
N GLU A 49 4.65 15.53 0.00
CA GLU A 49 5.24 16.88 0.17
C GLU A 49 4.97 17.51 1.54
N ALA A 1 -14.42 -1.93 -7.49
CA ALA A 1 -13.27 -1.28 -8.18
C ALA A 1 -12.41 -0.46 -7.21
N ALA A 2 -11.15 -0.19 -7.58
CA ALA A 2 -10.14 0.50 -6.73
C ALA A 2 -9.34 1.58 -7.47
N ARG A 3 -9.84 2.08 -8.62
CA ARG A 3 -9.16 3.08 -9.48
C ARG A 3 -8.71 4.38 -8.77
N PRO A 4 -9.44 4.93 -7.77
CA PRO A 4 -9.02 6.05 -6.90
C PRO A 4 -7.82 5.78 -5.96
N ALA A 5 -6.82 5.02 -6.42
CA ALA A 5 -5.66 4.60 -5.62
C ALA A 5 -4.81 5.77 -5.10
N LYS A 6 -4.13 5.54 -3.97
CA LYS A 6 -3.10 6.39 -3.37
C LYS A 6 -1.90 5.59 -2.83
N TYR A 7 -1.99 4.27 -2.74
CA TYR A 7 -0.96 3.40 -2.14
C TYR A 7 -0.60 2.27 -3.12
N SER A 8 0.64 1.76 -3.07
CA SER A 8 1.16 0.72 -3.95
C SER A 8 2.16 -0.18 -3.23
N TYR A 9 2.15 -1.48 -3.53
CA TYR A 9 3.03 -2.48 -2.94
C TYR A 9 3.50 -3.56 -3.94
N VAL A 10 4.47 -4.36 -3.50
CA VAL A 10 5.26 -5.33 -4.30
C VAL A 10 5.35 -6.69 -3.55
N ASP A 11 5.53 -7.77 -4.32
CA ASP A 11 5.74 -9.13 -3.77
C ASP A 11 7.10 -9.74 -4.20
N GLU A 12 7.41 -9.76 -5.51
CA GLU A 12 8.75 -10.15 -6.02
C GLU A 12 9.20 -9.35 -7.26
N ASN A 13 8.45 -9.43 -8.36
CA ASN A 13 8.89 -8.89 -9.67
C ASN A 13 8.89 -7.35 -9.76
N GLY A 14 8.06 -6.68 -8.94
CA GLY A 14 7.83 -5.23 -8.97
C GLY A 14 6.50 -4.85 -8.31
N GLU A 15 6.11 -3.57 -8.39
CA GLU A 15 4.79 -3.08 -7.92
C GLU A 15 3.64 -3.96 -8.45
N THR A 16 3.11 -4.81 -7.57
CA THR A 16 2.18 -5.88 -7.91
C THR A 16 0.73 -5.41 -7.87
N LYS A 17 0.37 -4.53 -6.90
CA LYS A 17 -1.00 -4.06 -6.65
C LYS A 17 -1.03 -2.66 -6.02
N THR A 18 -2.17 -2.00 -6.13
CA THR A 18 -2.46 -0.66 -5.56
C THR A 18 -3.74 -0.64 -4.73
N TRP A 19 -3.93 0.40 -3.91
CA TRP A 19 -5.03 0.54 -2.96
C TRP A 19 -5.43 2.01 -2.75
N THR A 20 -6.69 2.23 -2.36
CA THR A 20 -7.32 3.54 -2.10
C THR A 20 -7.08 4.10 -0.70
N GLY A 21 -6.69 3.24 0.25
CA GLY A 21 -6.63 3.57 1.68
C GLY A 21 -7.96 3.39 2.41
N GLN A 22 -8.95 2.71 1.79
CA GLN A 22 -10.30 2.50 2.31
C GLN A 22 -10.65 1.00 2.41
N GLY A 23 -11.58 0.66 3.30
CA GLY A 23 -11.86 -0.75 3.67
C GLY A 23 -10.73 -1.37 4.49
N ARG A 24 -10.78 -2.70 4.69
CA ARG A 24 -9.73 -3.45 5.41
C ARG A 24 -8.35 -3.31 4.76
N THR A 25 -7.30 -3.20 5.58
CA THR A 25 -5.90 -3.07 5.16
C THR A 25 -5.45 -4.30 4.33
N PRO A 26 -4.86 -4.13 3.13
CA PRO A 26 -4.34 -5.24 2.32
C PRO A 26 -3.29 -6.09 3.04
N ALA A 27 -3.22 -7.38 2.72
CA ALA A 27 -2.38 -8.36 3.42
C ALA A 27 -0.91 -7.98 3.52
N VAL A 28 -0.27 -7.56 2.42
CA VAL A 28 1.15 -7.13 2.42
C VAL A 28 1.38 -5.89 3.28
N ILE A 29 0.48 -4.91 3.20
CA ILE A 29 0.52 -3.68 4.02
C ILE A 29 0.43 -4.04 5.51
N LYS A 30 -0.54 -4.89 5.90
CA LYS A 30 -0.71 -5.42 7.25
C LYS A 30 0.56 -6.12 7.75
N LYS A 31 1.10 -7.04 6.94
CA LYS A 31 2.25 -7.86 7.31
C LYS A 31 3.51 -7.02 7.55
N ALA A 32 3.74 -6.01 6.71
CA ALA A 32 4.82 -5.04 6.87
C ALA A 32 4.66 -4.15 8.12
N MET A 33 3.43 -3.72 8.44
CA MET A 33 3.15 -2.99 9.70
C MET A 33 3.43 -3.85 10.94
N GLU A 34 3.01 -5.12 10.93
CA GLU A 34 3.16 -6.04 12.07
C GLU A 34 4.60 -6.56 12.29
N GLU A 35 5.31 -6.92 11.22
CA GLU A 35 6.59 -7.65 11.29
C GLU A 35 7.83 -6.87 10.81
N GLN A 36 7.62 -5.74 10.12
CA GLN A 36 8.70 -4.84 9.66
C GLN A 36 8.55 -3.42 10.23
N GLY A 37 7.56 -3.16 11.09
CA GLY A 37 7.33 -1.86 11.75
C GLY A 37 6.96 -0.71 10.80
N LYS A 38 6.49 -1.01 9.58
CA LYS A 38 6.10 0.00 8.57
C LYS A 38 4.84 0.79 8.95
N GLN A 39 4.56 1.82 8.15
CA GLN A 39 3.35 2.65 8.16
C GLN A 39 2.90 2.87 6.71
N LEU A 40 1.64 3.25 6.48
CA LEU A 40 1.03 3.40 5.13
C LEU A 40 1.81 4.37 4.23
N GLU A 41 2.45 5.37 4.80
CA GLU A 41 3.30 6.34 4.07
C GLU A 41 4.52 5.71 3.38
N ASP A 42 4.97 4.51 3.81
CA ASP A 42 5.98 3.74 3.07
C ASP A 42 5.48 3.26 1.70
N PHE A 43 4.16 3.19 1.53
CA PHE A 43 3.45 2.67 0.35
C PHE A 43 2.63 3.75 -0.38
N LEU A 44 2.32 4.87 0.29
CA LEU A 44 1.66 6.06 -0.25
C LEU A 44 2.50 6.66 -1.41
N ILE A 45 1.88 6.80 -2.58
CA ILE A 45 2.55 7.25 -3.83
C ILE A 45 1.91 8.45 -4.57
N LYS A 46 0.65 8.85 -4.29
CA LYS A 46 -0.06 9.90 -5.06
C LYS A 46 0.02 11.32 -4.48
N GLU A 47 0.14 11.45 -3.16
CA GLU A 47 0.01 12.75 -2.44
C GLU A 47 1.14 13.00 -1.41
N LEU A 48 2.36 12.51 -1.71
CA LEU A 48 3.56 12.85 -0.93
C LEU A 48 4.00 14.33 -1.03
N GLU A 49 3.51 15.05 -2.05
CA GLU A 49 3.83 16.47 -2.36
C GLU A 49 2.59 17.25 -2.84
N ALA A 1 3.38 11.29 -15.68
CA ALA A 1 2.72 9.97 -15.43
C ALA A 1 1.86 9.99 -14.15
N ALA A 2 0.84 9.13 -14.08
CA ALA A 2 -0.09 9.00 -12.95
C ALA A 2 -0.64 7.56 -12.80
N ARG A 3 -1.31 7.27 -11.67
CA ARG A 3 -1.94 5.97 -11.36
C ARG A 3 -3.35 6.18 -10.77
N PRO A 4 -4.30 5.24 -10.96
CA PRO A 4 -5.69 5.33 -10.46
C PRO A 4 -5.84 4.93 -8.96
N ALA A 5 -4.83 5.27 -8.16
CA ALA A 5 -4.64 4.83 -6.77
C ALA A 5 -3.88 5.87 -5.92
N LYS A 6 -3.72 5.59 -4.61
CA LYS A 6 -2.92 6.39 -3.66
C LYS A 6 -1.82 5.59 -2.96
N TYR A 7 -1.90 4.26 -2.95
CA TYR A 7 -0.88 3.38 -2.37
C TYR A 7 -0.56 2.22 -3.31
N SER A 8 0.62 1.62 -3.19
CA SER A 8 1.02 0.41 -3.93
C SER A 8 2.05 -0.43 -3.16
N TYR A 9 2.10 -1.73 -3.48
CA TYR A 9 3.04 -2.69 -2.89
C TYR A 9 3.56 -3.70 -3.92
N VAL A 10 4.60 -4.44 -3.55
CA VAL A 10 5.39 -5.31 -4.44
C VAL A 10 5.65 -6.69 -3.84
N ASP A 11 5.59 -7.72 -4.69
CA ASP A 11 6.02 -9.09 -4.38
C ASP A 11 6.71 -9.78 -5.58
N GLU A 12 6.28 -9.49 -6.83
CA GLU A 12 6.83 -10.12 -8.05
C GLU A 12 6.97 -9.23 -9.30
N ASN A 13 6.43 -8.00 -9.32
CA ASN A 13 6.30 -7.18 -10.54
C ASN A 13 6.93 -5.76 -10.48
N GLY A 14 7.70 -5.41 -9.44
CA GLY A 14 8.16 -4.04 -9.16
C GLY A 14 7.05 -3.16 -8.56
N GLU A 15 5.84 -3.29 -9.09
CA GLU A 15 4.57 -2.77 -8.59
C GLU A 15 3.50 -3.85 -8.83
N THR A 16 3.16 -4.59 -7.76
CA THR A 16 2.33 -5.80 -7.81
C THR A 16 0.83 -5.47 -7.75
N LYS A 17 0.41 -4.70 -6.73
CA LYS A 17 -0.98 -4.26 -6.51
C LYS A 17 -1.06 -2.84 -5.96
N THR A 18 -2.25 -2.25 -6.04
CA THR A 18 -2.53 -0.83 -5.73
C THR A 18 -3.82 -0.67 -4.90
N TRP A 19 -3.95 0.47 -4.20
CA TRP A 19 -5.06 0.74 -3.28
C TRP A 19 -5.34 2.25 -3.14
N THR A 20 -6.56 2.60 -2.71
CA THR A 20 -7.06 3.99 -2.61
C THR A 20 -7.12 4.54 -1.18
N GLY A 21 -7.13 3.65 -0.18
CA GLY A 21 -7.38 3.97 1.24
C GLY A 21 -8.77 3.52 1.74
N GLN A 22 -9.66 3.08 0.83
CA GLN A 22 -11.01 2.59 1.16
C GLN A 22 -10.98 1.16 1.74
N GLY A 23 -11.84 0.87 2.73
CA GLY A 23 -11.88 -0.43 3.40
C GLY A 23 -10.65 -0.72 4.28
N ARG A 24 -10.48 -1.99 4.68
CA ARG A 24 -9.34 -2.46 5.48
C ARG A 24 -8.02 -2.39 4.71
N THR A 25 -6.92 -2.24 5.45
CA THR A 25 -5.53 -2.21 4.93
C THR A 25 -5.18 -3.49 4.15
N PRO A 26 -4.58 -3.40 2.94
CA PRO A 26 -4.09 -4.55 2.16
C PRO A 26 -3.17 -5.50 2.94
N ALA A 27 -3.25 -6.80 2.67
CA ALA A 27 -2.58 -7.84 3.46
C ALA A 27 -1.06 -7.66 3.59
N VAL A 28 -0.36 -7.33 2.50
CA VAL A 28 1.10 -7.11 2.52
C VAL A 28 1.47 -5.87 3.36
N ILE A 29 0.70 -4.78 3.24
CA ILE A 29 0.90 -3.55 4.04
C ILE A 29 0.67 -3.86 5.54
N LYS A 30 -0.41 -4.57 5.87
CA LYS A 30 -0.72 -5.06 7.22
C LYS A 30 0.41 -5.92 7.78
N LYS A 31 0.93 -6.86 7.00
CA LYS A 31 2.05 -7.72 7.42
C LYS A 31 3.34 -6.92 7.64
N ALA A 32 3.63 -5.93 6.80
CA ALA A 32 4.77 -5.03 6.96
C ALA A 32 4.66 -4.14 8.22
N MET A 33 3.45 -3.71 8.59
CA MET A 33 3.21 -3.02 9.86
C MET A 33 3.53 -3.92 11.08
N GLU A 34 3.12 -5.19 11.04
CA GLU A 34 3.31 -6.16 12.12
C GLU A 34 4.74 -6.74 12.22
N GLU A 35 5.43 -6.97 11.10
CA GLU A 35 6.72 -7.70 11.06
C GLU A 35 7.94 -6.83 10.69
N GLN A 36 7.73 -5.63 10.13
CA GLN A 36 8.80 -4.69 9.72
C GLN A 36 8.65 -3.30 10.39
N GLY A 37 7.60 -3.07 11.19
CA GLY A 37 7.34 -1.80 11.88
C GLY A 37 6.97 -0.63 10.97
N LYS A 38 6.65 -0.89 9.70
CA LYS A 38 6.28 0.11 8.68
C LYS A 38 4.89 0.70 8.94
N GLN A 39 4.51 1.70 8.15
CA GLN A 39 3.20 2.37 8.16
C GLN A 39 2.70 2.58 6.72
N LEU A 40 1.45 3.02 6.53
CA LEU A 40 0.86 3.22 5.19
C LEU A 40 1.67 4.22 4.34
N GLU A 41 2.32 5.20 4.97
CA GLU A 41 3.21 6.16 4.30
C GLU A 41 4.40 5.49 3.58
N ASP A 42 4.88 4.35 4.06
CA ASP A 42 5.93 3.56 3.38
C ASP A 42 5.45 2.96 2.03
N PHE A 43 4.13 2.99 1.77
CA PHE A 43 3.46 2.47 0.58
C PHE A 43 2.64 3.55 -0.16
N LEU A 44 2.55 4.76 0.38
CA LEU A 44 1.86 5.94 -0.15
C LEU A 44 2.65 6.61 -1.28
N ILE A 45 1.96 6.92 -2.38
CA ILE A 45 2.57 7.39 -3.65
C ILE A 45 1.97 8.67 -4.28
N LYS A 46 0.78 9.12 -3.86
CA LYS A 46 0.04 10.20 -4.57
C LYS A 46 -0.60 11.30 -3.68
N GLU A 47 0.00 11.55 -2.51
CA GLU A 47 -0.41 12.65 -1.59
C GLU A 47 0.79 13.37 -0.95
N LEU A 48 1.99 13.25 -1.55
CA LEU A 48 3.27 13.68 -0.97
C LEU A 48 4.07 14.63 -1.90
N GLU A 49 3.35 15.31 -2.82
CA GLU A 49 3.88 16.26 -3.81
C GLU A 49 2.88 17.40 -4.11
N ALA A 1 -9.54 0.40 -16.35
CA ALA A 1 -10.12 1.31 -15.32
C ALA A 1 -9.18 2.50 -15.01
N ALA A 2 -9.72 3.60 -14.48
CA ALA A 2 -8.98 4.86 -14.23
C ALA A 2 -9.31 5.53 -12.88
N ARG A 3 -9.87 4.77 -11.92
CA ARG A 3 -10.21 5.26 -10.56
C ARG A 3 -8.96 5.71 -9.76
N PRO A 4 -9.09 6.68 -8.84
CA PRO A 4 -7.98 7.16 -8.01
C PRO A 4 -7.55 6.15 -6.94
N ALA A 5 -6.37 6.36 -6.35
CA ALA A 5 -5.79 5.55 -5.28
C ALA A 5 -4.88 6.38 -4.35
N LYS A 6 -4.43 5.78 -3.23
CA LYS A 6 -3.58 6.42 -2.20
C LYS A 6 -2.27 5.68 -1.94
N TYR A 7 -2.22 4.36 -2.14
CA TYR A 7 -1.07 3.52 -1.80
C TYR A 7 -0.79 2.50 -2.93
N SER A 8 0.42 1.94 -2.98
CA SER A 8 0.82 0.91 -3.96
C SER A 8 1.82 -0.08 -3.35
N TYR A 9 1.74 -1.34 -3.76
CA TYR A 9 2.56 -2.43 -3.21
C TYR A 9 3.10 -3.41 -4.27
N VAL A 10 4.10 -4.17 -3.80
CA VAL A 10 5.01 -5.06 -4.54
C VAL A 10 5.10 -6.43 -3.83
N ASP A 11 5.38 -7.49 -4.58
CA ASP A 11 5.50 -8.87 -4.08
C ASP A 11 6.70 -9.60 -4.76
N GLU A 12 6.83 -10.92 -4.57
CA GLU A 12 8.01 -11.72 -4.98
C GLU A 12 8.32 -11.63 -6.49
N ASN A 13 7.28 -11.65 -7.33
CA ASN A 13 7.40 -11.66 -8.79
C ASN A 13 7.67 -10.27 -9.41
N GLY A 14 7.42 -9.18 -8.68
CA GLY A 14 7.51 -7.80 -9.16
C GLY A 14 6.48 -6.87 -8.51
N GLU A 15 6.31 -5.66 -9.06
CA GLU A 15 5.22 -4.75 -8.68
C GLU A 15 3.83 -5.43 -8.78
N THR A 16 2.90 -5.08 -7.89
CA THR A 16 1.64 -5.81 -7.73
C THR A 16 0.41 -4.95 -8.06
N LYS A 17 0.00 -4.03 -7.17
CA LYS A 17 -1.20 -3.18 -7.39
C LYS A 17 -1.33 -2.01 -6.41
N THR A 18 -2.35 -1.17 -6.61
CA THR A 18 -2.69 0.00 -5.79
C THR A 18 -3.85 -0.27 -4.81
N TRP A 19 -4.01 0.63 -3.82
CA TRP A 19 -5.07 0.57 -2.80
C TRP A 19 -5.57 1.98 -2.44
N THR A 20 -6.79 2.08 -1.90
CA THR A 20 -7.55 3.33 -1.68
C THR A 20 -7.68 3.75 -0.22
N GLY A 21 -7.27 2.91 0.74
CA GLY A 21 -7.49 3.12 2.17
C GLY A 21 -8.86 2.68 2.68
N GLN A 22 -9.57 1.85 1.93
CA GLN A 22 -10.90 1.30 2.28
C GLN A 22 -10.91 -0.23 2.23
N GLY A 23 -11.81 -0.86 3.00
CA GLY A 23 -11.81 -2.31 3.23
C GLY A 23 -10.62 -2.74 4.12
N ARG A 24 -10.38 -4.06 4.21
CA ARG A 24 -9.21 -4.61 4.93
C ARG A 24 -7.90 -4.21 4.26
N THR A 25 -6.87 -3.89 5.06
CA THR A 25 -5.50 -3.61 4.60
C THR A 25 -4.93 -4.79 3.81
N PRO A 26 -4.30 -4.59 2.63
CA PRO A 26 -3.75 -5.68 1.83
C PRO A 26 -2.60 -6.41 2.55
N ALA A 27 -2.44 -7.70 2.26
CA ALA A 27 -1.57 -8.62 3.00
C ALA A 27 -0.14 -8.11 3.26
N VAL A 28 0.61 -7.72 2.22
CA VAL A 28 2.01 -7.28 2.40
C VAL A 28 2.12 -6.00 3.24
N ILE A 29 1.17 -5.07 3.12
CA ILE A 29 1.12 -3.84 3.94
C ILE A 29 0.81 -4.21 5.41
N LYS A 30 -0.19 -5.09 5.65
CA LYS A 30 -0.51 -5.62 6.98
C LYS A 30 0.70 -6.28 7.64
N LYS A 31 1.38 -7.17 6.91
CA LYS A 31 2.56 -7.90 7.40
C LYS A 31 3.72 -6.96 7.72
N ALA A 32 3.97 -5.95 6.88
CA ALA A 32 4.96 -4.91 7.12
C ALA A 32 4.64 -4.03 8.35
N MET A 33 3.37 -3.69 8.57
CA MET A 33 2.93 -2.96 9.77
C MET A 33 3.14 -3.78 11.05
N GLU A 34 2.74 -5.06 11.06
CA GLU A 34 2.79 -5.92 12.25
C GLU A 34 4.21 -6.42 12.59
N GLU A 35 5.01 -6.81 11.60
CA GLU A 35 6.29 -7.51 11.81
C GLU A 35 7.56 -6.71 11.41
N GLN A 36 7.40 -5.57 10.73
CA GLN A 36 8.49 -4.64 10.39
C GLN A 36 8.24 -3.20 10.88
N GLY A 37 7.15 -2.96 11.63
CA GLY A 37 6.83 -1.69 12.27
C GLY A 37 6.51 -0.53 11.32
N LYS A 38 6.20 -0.83 10.03
CA LYS A 38 5.88 0.19 9.01
C LYS A 38 4.54 0.91 9.28
N GLN A 39 4.31 1.97 8.52
CA GLN A 39 3.05 2.72 8.41
C GLN A 39 2.75 2.96 6.92
N LEU A 40 1.53 3.36 6.57
CA LEU A 40 1.07 3.42 5.17
C LEU A 40 1.88 4.41 4.30
N GLU A 41 2.51 5.40 4.91
CA GLU A 41 3.46 6.32 4.25
C GLU A 41 4.62 5.61 3.54
N ASP A 42 4.99 4.38 3.95
CA ASP A 42 5.97 3.54 3.24
C ASP A 42 5.47 3.05 1.85
N PHE A 43 4.17 3.13 1.60
CA PHE A 43 3.45 2.65 0.41
C PHE A 43 2.66 3.76 -0.32
N LEU A 44 2.53 4.93 0.31
CA LEU A 44 1.84 6.13 -0.16
C LEU A 44 2.37 6.65 -1.51
N ILE A 45 1.43 7.04 -2.38
CA ILE A 45 1.69 7.59 -3.74
C ILE A 45 1.08 8.98 -4.01
N LYS A 46 0.10 9.44 -3.21
CA LYS A 46 -0.71 10.63 -3.49
C LYS A 46 -1.06 11.46 -2.25
N GLU A 47 -1.98 10.98 -1.40
CA GLU A 47 -2.56 11.73 -0.27
C GLU A 47 -2.84 10.84 0.95
N LEU A 48 -2.81 11.44 2.14
CA LEU A 48 -2.98 10.79 3.45
C LEU A 48 -3.64 11.75 4.47
N GLU A 49 -4.02 11.23 5.65
CA GLU A 49 -4.66 11.96 6.75
C GLU A 49 -4.26 11.37 8.12
N ALA A 1 -16.29 6.55 -0.20
CA ALA A 1 -15.12 6.04 -0.97
C ALA A 1 -15.09 6.60 -2.41
N ALA A 2 -13.95 6.46 -3.11
CA ALA A 2 -13.76 6.93 -4.49
C ALA A 2 -12.89 5.97 -5.32
N ARG A 3 -12.99 6.06 -6.66
CA ARG A 3 -12.32 5.17 -7.62
C ARG A 3 -10.77 5.17 -7.63
N PRO A 4 -10.07 6.31 -7.63
CA PRO A 4 -8.61 6.35 -7.85
C PRO A 4 -7.80 5.85 -6.64
N ALA A 5 -6.64 5.25 -6.92
CA ALA A 5 -5.68 4.80 -5.91
C ALA A 5 -4.85 5.94 -5.29
N LYS A 6 -4.20 5.63 -4.15
CA LYS A 6 -3.18 6.46 -3.48
C LYS A 6 -1.96 5.64 -3.00
N TYR A 7 -2.05 4.32 -3.02
CA TYR A 7 -1.08 3.38 -2.44
C TYR A 7 -0.72 2.26 -3.42
N SER A 8 0.45 1.63 -3.25
CA SER A 8 0.85 0.41 -3.96
C SER A 8 1.70 -0.51 -3.09
N TYR A 9 1.76 -1.80 -3.45
CA TYR A 9 2.59 -2.81 -2.80
C TYR A 9 3.16 -3.84 -3.79
N VAL A 10 4.11 -4.66 -3.32
CA VAL A 10 4.95 -5.57 -4.09
C VAL A 10 4.72 -7.05 -3.72
N ASP A 11 5.33 -7.97 -4.49
CA ASP A 11 5.33 -9.41 -4.17
C ASP A 11 6.67 -10.10 -4.54
N GLU A 12 7.21 -9.86 -5.74
CA GLU A 12 8.52 -10.38 -6.15
C GLU A 12 9.25 -9.46 -7.16
N ASN A 13 8.65 -9.24 -8.34
CA ASN A 13 9.32 -8.55 -9.45
C ASN A 13 9.40 -7.01 -9.30
N GLY A 14 8.55 -6.42 -8.46
CA GLY A 14 8.36 -4.96 -8.35
C GLY A 14 6.95 -4.62 -7.85
N GLU A 15 6.50 -3.38 -8.12
CA GLU A 15 5.11 -2.96 -7.90
C GLU A 15 4.14 -3.98 -8.52
N THR A 16 3.19 -4.43 -7.69
CA THR A 16 2.32 -5.57 -7.95
C THR A 16 0.84 -5.17 -8.01
N LYS A 17 0.33 -4.47 -6.98
CA LYS A 17 -1.07 -4.04 -6.87
C LYS A 17 -1.19 -2.66 -6.20
N THR A 18 -2.36 -2.04 -6.31
CA THR A 18 -2.67 -0.68 -5.84
C THR A 18 -3.92 -0.63 -4.95
N TRP A 19 -4.04 0.44 -4.14
CA TRP A 19 -5.08 0.59 -3.12
C TRP A 19 -5.47 2.07 -2.92
N THR A 20 -6.69 2.32 -2.46
CA THR A 20 -7.28 3.65 -2.21
C THR A 20 -6.83 4.29 -0.89
N GLY A 21 -6.36 3.49 0.06
CA GLY A 21 -6.10 3.91 1.45
C GLY A 21 -7.32 3.79 2.38
N GLN A 22 -8.40 3.13 1.92
CA GLN A 22 -9.68 2.99 2.65
C GLN A 22 -10.14 1.53 2.69
N GLY A 23 -11.02 1.19 3.63
CA GLY A 23 -11.39 -0.20 3.94
C GLY A 23 -10.24 -0.97 4.62
N ARG A 24 -10.37 -2.31 4.69
CA ARG A 24 -9.32 -3.19 5.25
C ARG A 24 -7.97 -3.03 4.54
N THR A 25 -6.89 -2.93 5.31
CA THR A 25 -5.51 -2.79 4.82
C THR A 25 -5.07 -4.04 4.02
N PRO A 26 -4.50 -3.90 2.80
CA PRO A 26 -3.95 -5.01 2.02
C PRO A 26 -2.96 -5.89 2.81
N ALA A 27 -2.97 -7.20 2.55
CA ALA A 27 -2.24 -8.20 3.35
C ALA A 27 -0.73 -7.91 3.48
N VAL A 28 -0.05 -7.55 2.39
CA VAL A 28 1.39 -7.22 2.42
C VAL A 28 1.67 -5.97 3.24
N ILE A 29 0.84 -4.93 3.11
CA ILE A 29 0.94 -3.68 3.89
C ILE A 29 0.72 -3.97 5.39
N LYS A 30 -0.30 -4.79 5.72
CA LYS A 30 -0.58 -5.27 7.09
C LYS A 30 0.63 -6.02 7.68
N LYS A 31 1.16 -7.00 6.94
CA LYS A 31 2.33 -7.79 7.37
C LYS A 31 3.57 -6.92 7.57
N ALA A 32 3.80 -5.94 6.70
CA ALA A 32 4.89 -4.98 6.86
C ALA A 32 4.75 -4.08 8.10
N MET A 33 3.52 -3.67 8.44
CA MET A 33 3.23 -2.95 9.69
C MET A 33 3.50 -3.83 10.92
N GLU A 34 3.00 -5.07 10.94
CA GLU A 34 3.11 -5.98 12.09
C GLU A 34 4.50 -6.60 12.30
N GLU A 35 5.23 -6.93 11.22
CA GLU A 35 6.47 -7.73 11.27
C GLU A 35 7.74 -6.94 10.89
N GLN A 36 7.59 -5.76 10.26
CA GLN A 36 8.72 -4.90 9.81
C GLN A 36 8.62 -3.45 10.31
N GLY A 37 7.61 -3.13 11.12
CA GLY A 37 7.44 -1.81 11.76
C GLY A 37 7.10 -0.65 10.80
N LYS A 38 6.66 -0.94 9.57
CA LYS A 38 6.28 0.06 8.56
C LYS A 38 5.02 0.86 8.94
N GLN A 39 4.76 1.94 8.21
CA GLN A 39 3.58 2.81 8.34
C GLN A 39 2.95 3.06 6.95
N LEU A 40 1.80 3.75 6.90
CA LEU A 40 1.06 3.99 5.65
C LEU A 40 1.93 4.68 4.58
N GLU A 41 2.73 5.66 4.98
CA GLU A 41 3.57 6.44 4.05
C GLU A 41 4.69 5.63 3.37
N ASP A 42 5.04 4.44 3.89
CA ASP A 42 5.93 3.50 3.20
C ASP A 42 5.31 2.90 1.92
N PHE A 43 3.98 2.97 1.79
CA PHE A 43 3.20 2.41 0.67
C PHE A 43 2.33 3.46 -0.06
N LEU A 44 2.09 4.62 0.56
CA LEU A 44 1.48 5.80 -0.05
C LEU A 44 2.41 6.38 -1.14
N ILE A 45 1.93 6.47 -2.38
CA ILE A 45 2.74 6.80 -3.58
C ILE A 45 2.24 7.96 -4.46
N LYS A 46 1.02 8.50 -4.24
CA LYS A 46 0.46 9.56 -5.12
C LYS A 46 1.25 10.89 -5.09
N GLU A 47 1.79 11.24 -3.93
CA GLU A 47 2.43 12.55 -3.68
C GLU A 47 3.71 12.43 -2.80
N LEU A 48 4.33 11.24 -2.78
CA LEU A 48 5.52 10.91 -1.99
C LEU A 48 6.51 10.03 -2.80
N GLU A 49 7.80 10.10 -2.43
CA GLU A 49 8.93 9.40 -3.09
C GLU A 49 9.97 8.89 -2.08
N ALA A 1 -10.79 2.42 -19.76
CA ALA A 1 -11.33 2.73 -18.41
C ALA A 1 -10.27 2.61 -17.31
N ALA A 2 -10.44 3.32 -16.20
CA ALA A 2 -9.52 3.34 -15.04
C ALA A 2 -10.27 3.58 -13.71
N ARG A 3 -9.56 3.41 -12.58
CA ARG A 3 -10.06 3.61 -11.19
C ARG A 3 -9.01 4.33 -10.33
N PRO A 4 -9.43 5.08 -9.28
CA PRO A 4 -8.52 5.83 -8.41
C PRO A 4 -7.72 4.92 -7.45
N ALA A 5 -6.59 5.45 -6.97
CA ALA A 5 -5.75 4.84 -5.93
C ALA A 5 -4.89 5.92 -5.21
N LYS A 6 -4.29 5.55 -4.07
CA LYS A 6 -3.31 6.36 -3.32
C LYS A 6 -2.12 5.56 -2.75
N TYR A 7 -2.21 4.23 -2.71
CA TYR A 7 -1.20 3.35 -2.14
C TYR A 7 -0.84 2.22 -3.12
N SER A 8 0.37 1.66 -3.02
CA SER A 8 0.89 0.60 -3.89
C SER A 8 1.85 -0.32 -3.13
N TYR A 9 1.87 -1.61 -3.47
CA TYR A 9 2.77 -2.60 -2.88
C TYR A 9 3.36 -3.60 -3.90
N VAL A 10 4.38 -4.32 -3.45
CA VAL A 10 5.28 -5.19 -4.25
C VAL A 10 5.23 -6.62 -3.72
N ASP A 11 5.31 -7.60 -4.64
CA ASP A 11 5.45 -9.02 -4.33
C ASP A 11 6.24 -9.78 -5.42
N GLU A 12 5.97 -9.47 -6.70
CA GLU A 12 6.66 -10.06 -7.85
C GLU A 12 7.85 -9.19 -8.33
N ASN A 13 8.02 -9.03 -9.65
CA ASN A 13 9.14 -8.32 -10.29
C ASN A 13 9.22 -6.81 -10.00
N GLY A 14 8.18 -6.22 -9.38
CA GLY A 14 8.05 -4.78 -9.12
C GLY A 14 6.69 -4.48 -8.48
N GLU A 15 6.20 -3.24 -8.65
CA GLU A 15 4.83 -2.86 -8.24
C GLU A 15 3.82 -3.91 -8.74
N THR A 16 3.06 -4.43 -7.77
CA THR A 16 2.19 -5.59 -7.89
C THR A 16 0.71 -5.23 -7.88
N LYS A 17 0.25 -4.48 -6.85
CA LYS A 17 -1.15 -4.06 -6.69
C LYS A 17 -1.25 -2.68 -6.00
N THR A 18 -2.38 -2.01 -6.17
CA THR A 18 -2.68 -0.67 -5.64
C THR A 18 -3.98 -0.64 -4.81
N TRP A 19 -4.16 0.41 -4.01
CA TRP A 19 -5.25 0.53 -3.03
C TRP A 19 -5.64 2.01 -2.79
N THR A 20 -6.86 2.22 -2.31
CA THR A 20 -7.49 3.54 -2.04
C THR A 20 -7.37 4.02 -0.58
N GLY A 21 -7.00 3.13 0.34
CA GLY A 21 -6.97 3.41 1.78
C GLY A 21 -8.31 3.12 2.50
N GLN A 22 -9.22 2.36 1.87
CA GLN A 22 -10.57 2.05 2.38
C GLN A 22 -10.85 0.54 2.36
N GLY A 23 -11.68 0.07 3.28
CA GLY A 23 -11.89 -1.37 3.53
C GLY A 23 -10.68 -2.03 4.23
N ARG A 24 -10.66 -3.37 4.22
CA ARG A 24 -9.57 -4.19 4.80
C ARG A 24 -8.21 -3.87 4.14
N THR A 25 -7.20 -3.59 4.97
CA THR A 25 -5.82 -3.31 4.52
C THR A 25 -5.23 -4.49 3.73
N PRO A 26 -4.59 -4.27 2.55
CA PRO A 26 -3.91 -5.32 1.79
C PRO A 26 -2.89 -6.11 2.62
N ALA A 27 -2.80 -7.43 2.38
CA ALA A 27 -2.04 -8.35 3.23
C ALA A 27 -0.56 -7.96 3.41
N VAL A 28 0.18 -7.69 2.32
CA VAL A 28 1.60 -7.33 2.40
C VAL A 28 1.82 -6.04 3.20
N ILE A 29 0.97 -5.03 3.00
CA ILE A 29 0.98 -3.76 3.75
C ILE A 29 0.78 -4.05 5.26
N LYS A 30 -0.24 -4.85 5.60
CA LYS A 30 -0.53 -5.26 6.99
C LYS A 30 0.66 -5.98 7.62
N LYS A 31 1.20 -7.01 6.95
CA LYS A 31 2.32 -7.82 7.47
C LYS A 31 3.58 -6.98 7.69
N ALA A 32 3.91 -6.09 6.75
CA ALA A 32 5.05 -5.18 6.87
C ALA A 32 4.89 -4.16 8.00
N MET A 33 3.68 -3.60 8.18
CA MET A 33 3.40 -2.68 9.29
C MET A 33 3.46 -3.37 10.66
N GLU A 34 2.96 -4.61 10.81
CA GLU A 34 2.81 -5.27 12.11
C GLU A 34 4.00 -6.13 12.56
N GLU A 35 4.76 -6.74 11.64
CA GLU A 35 5.96 -7.57 11.96
C GLU A 35 7.30 -6.96 11.51
N GLN A 36 7.31 -6.00 10.58
CA GLN A 36 8.54 -5.37 10.05
C GLN A 36 8.66 -3.87 10.39
N GLY A 37 7.70 -3.32 11.17
CA GLY A 37 7.77 -1.98 11.75
C GLY A 37 7.52 -0.82 10.77
N LYS A 38 7.02 -1.09 9.56
CA LYS A 38 6.67 -0.06 8.57
C LYS A 38 5.50 0.84 9.02
N GLN A 39 5.31 1.94 8.31
CA GLN A 39 4.15 2.83 8.38
C GLN A 39 3.54 2.97 6.99
N LEU A 40 2.25 3.31 6.89
CA LEU A 40 1.50 3.26 5.62
C LEU A 40 2.07 4.20 4.53
N GLU A 41 2.73 5.28 4.93
CA GLU A 41 3.45 6.20 4.04
C GLU A 41 4.59 5.53 3.24
N ASP A 42 5.11 4.36 3.68
CA ASP A 42 6.04 3.55 2.89
C ASP A 42 5.39 3.03 1.58
N PHE A 43 4.05 2.95 1.56
CA PHE A 43 3.22 2.43 0.47
C PHE A 43 2.37 3.52 -0.19
N LEU A 44 2.11 4.64 0.49
CA LEU A 44 1.45 5.83 -0.05
C LEU A 44 2.30 6.47 -1.16
N ILE A 45 1.74 6.56 -2.38
CA ILE A 45 2.48 6.98 -3.60
C ILE A 45 1.90 8.17 -4.37
N LYS A 46 0.66 8.63 -4.09
CA LYS A 46 0.05 9.76 -4.82
C LYS A 46 0.76 11.10 -4.56
N GLU A 47 0.98 11.43 -3.29
CA GLU A 47 1.61 12.68 -2.83
C GLU A 47 2.11 12.54 -1.38
N LEU A 48 3.30 13.09 -1.09
CA LEU A 48 3.92 13.14 0.25
C LEU A 48 4.67 14.47 0.46
N GLU A 49 4.98 14.80 1.72
CA GLU A 49 5.71 16.00 2.16
C GLU A 49 6.64 15.78 3.37
N ALA A 1 3.68 3.60 -10.41
CA ALA A 1 2.43 4.05 -9.74
C ALA A 1 1.46 4.70 -10.74
N ALA A 2 0.19 4.90 -10.35
CA ALA A 2 -0.87 5.45 -11.22
C ALA A 2 -1.85 6.35 -10.45
N ARG A 3 -2.60 7.21 -11.18
CA ARG A 3 -3.53 8.23 -10.65
C ARG A 3 -4.73 7.73 -9.82
N PRO A 4 -5.45 6.64 -10.20
CA PRO A 4 -6.73 6.25 -9.58
C PRO A 4 -6.55 5.39 -8.30
N ALA A 5 -5.51 5.67 -7.50
CA ALA A 5 -5.14 4.94 -6.29
C ALA A 5 -4.44 5.86 -5.26
N LYS A 6 -4.23 5.33 -4.04
CA LYS A 6 -3.68 6.06 -2.87
C LYS A 6 -2.43 5.38 -2.28
N TYR A 7 -2.32 4.06 -2.42
CA TYR A 7 -1.18 3.25 -1.98
C TYR A 7 -0.83 2.20 -3.04
N SER A 8 0.42 1.73 -3.08
CA SER A 8 0.92 0.71 -4.01
C SER A 8 1.93 -0.20 -3.32
N TYR A 9 1.91 -1.49 -3.66
CA TYR A 9 2.74 -2.52 -3.02
C TYR A 9 3.35 -3.54 -4.00
N VAL A 10 4.37 -4.24 -3.49
CA VAL A 10 5.30 -5.12 -4.23
C VAL A 10 5.18 -6.56 -3.73
N ASP A 11 5.32 -7.51 -4.66
CA ASP A 11 5.45 -8.94 -4.38
C ASP A 11 6.35 -9.62 -5.42
N GLU A 12 6.12 -9.25 -6.68
CA GLU A 12 6.91 -9.59 -7.86
C GLU A 12 8.23 -8.79 -7.90
N ASN A 13 8.88 -8.79 -9.06
CA ASN A 13 10.11 -8.04 -9.38
C ASN A 13 9.95 -6.49 -9.36
N GLY A 14 8.75 -5.98 -9.06
CA GLY A 14 8.39 -4.57 -9.01
C GLY A 14 6.99 -4.37 -8.41
N GLU A 15 6.41 -3.17 -8.57
CA GLU A 15 5.02 -2.89 -8.18
C GLU A 15 4.04 -3.96 -8.73
N THR A 16 3.17 -4.44 -7.84
CA THR A 16 2.31 -5.60 -8.03
C THR A 16 0.83 -5.21 -8.07
N LYS A 17 0.35 -4.47 -7.05
CA LYS A 17 -1.06 -4.03 -6.91
C LYS A 17 -1.17 -2.73 -6.11
N THR A 18 -2.36 -2.13 -6.10
CA THR A 18 -2.67 -0.82 -5.51
C THR A 18 -3.90 -0.86 -4.60
N TRP A 19 -4.08 0.19 -3.79
CA TRP A 19 -5.16 0.31 -2.80
C TRP A 19 -5.60 1.77 -2.60
N THR A 20 -6.80 1.97 -2.07
CA THR A 20 -7.49 3.28 -1.95
C THR A 20 -7.78 3.70 -0.50
N GLY A 21 -7.46 2.85 0.49
CA GLY A 21 -7.76 3.10 1.92
C GLY A 21 -9.17 2.69 2.35
N GLN A 22 -9.83 1.80 1.58
CA GLN A 22 -11.19 1.31 1.83
C GLN A 22 -11.25 -0.22 1.83
N GLY A 23 -12.22 -0.79 2.56
CA GLY A 23 -12.26 -2.25 2.83
C GLY A 23 -11.11 -2.72 3.71
N ARG A 24 -10.90 -4.04 3.79
CA ARG A 24 -9.78 -4.66 4.53
C ARG A 24 -8.41 -4.16 4.03
N THR A 25 -7.48 -3.91 4.95
CA THR A 25 -6.07 -3.60 4.63
C THR A 25 -5.41 -4.78 3.91
N PRO A 26 -4.76 -4.60 2.73
CA PRO A 26 -4.07 -5.67 2.01
C PRO A 26 -3.03 -6.42 2.85
N ALA A 27 -2.83 -7.71 2.56
CA ALA A 27 -2.01 -8.62 3.37
C ALA A 27 -0.56 -8.13 3.57
N VAL A 28 0.15 -7.75 2.51
CA VAL A 28 1.54 -7.26 2.66
C VAL A 28 1.62 -5.87 3.28
N ILE A 29 0.61 -4.99 3.07
CA ILE A 29 0.51 -3.69 3.74
C ILE A 29 0.45 -3.89 5.27
N LYS A 30 -0.51 -4.71 5.74
CA LYS A 30 -0.66 -4.97 7.18
C LYS A 30 0.56 -5.68 7.76
N LYS A 31 1.08 -6.72 7.10
CA LYS A 31 2.22 -7.50 7.58
C LYS A 31 3.52 -6.71 7.63
N ALA A 32 3.74 -5.77 6.70
CA ALA A 32 4.87 -4.85 6.76
C ALA A 32 4.79 -3.92 7.99
N MET A 33 3.60 -3.41 8.34
CA MET A 33 3.42 -2.61 9.56
C MET A 33 3.52 -3.45 10.84
N GLU A 34 2.94 -4.65 10.87
CA GLU A 34 2.85 -5.52 12.05
C GLU A 34 4.16 -6.28 12.36
N GLU A 35 4.85 -6.81 11.35
CA GLU A 35 5.99 -7.74 11.49
C GLU A 35 7.34 -7.16 11.06
N GLN A 36 7.35 -6.05 10.31
CA GLN A 36 8.57 -5.38 9.81
C GLN A 36 8.70 -3.92 10.29
N GLY A 37 7.73 -3.43 11.09
CA GLY A 37 7.77 -2.11 11.75
C GLY A 37 7.62 -0.91 10.83
N LYS A 38 7.14 -1.10 9.59
CA LYS A 38 6.89 -0.01 8.62
C LYS A 38 5.63 0.81 8.99
N GLN A 39 5.36 1.85 8.22
CA GLN A 39 4.15 2.69 8.28
C GLN A 39 3.52 2.77 6.88
N LEU A 40 2.23 3.13 6.78
CA LEU A 40 1.50 3.15 5.51
C LEU A 40 2.08 4.15 4.49
N GLU A 41 2.76 5.19 4.98
CA GLU A 41 3.53 6.14 4.16
C GLU A 41 4.63 5.46 3.31
N ASP A 42 5.14 4.29 3.73
CA ASP A 42 6.08 3.46 2.95
C ASP A 42 5.48 2.92 1.64
N PHE A 43 4.15 2.96 1.50
CA PHE A 43 3.36 2.48 0.37
C PHE A 43 2.49 3.58 -0.28
N LEU A 44 2.32 4.71 0.39
CA LEU A 44 1.61 5.91 -0.08
C LEU A 44 2.21 6.48 -1.39
N ILE A 45 1.32 6.85 -2.31
CA ILE A 45 1.67 7.42 -3.64
C ILE A 45 1.04 8.80 -3.96
N LYS A 46 0.10 9.32 -3.17
CA LYS A 46 -0.54 10.64 -3.39
C LYS A 46 -0.73 11.48 -2.12
N GLU A 47 -1.72 11.14 -1.29
CA GLU A 47 -2.21 11.96 -0.17
C GLU A 47 -2.71 11.15 1.03
N LEU A 48 -2.77 11.77 2.22
CA LEU A 48 -3.16 11.11 3.49
C LEU A 48 -4.38 11.79 4.16
N GLU A 49 -5.20 12.48 3.36
CA GLU A 49 -6.51 13.03 3.74
C GLU A 49 -7.49 11.91 4.21
N ALA A 1 4.81 7.40 -14.94
CA ALA A 1 3.47 8.03 -15.06
C ALA A 1 2.58 7.71 -13.84
N ALA A 2 1.60 8.59 -13.54
CA ALA A 2 0.61 8.40 -12.48
C ALA A 2 -0.36 7.22 -12.75
N ARG A 3 -1.09 6.80 -11.70
CA ARG A 3 -2.08 5.70 -11.73
C ARG A 3 -3.29 5.98 -10.80
N PRO A 4 -4.47 5.38 -11.03
CA PRO A 4 -5.71 5.68 -10.30
C PRO A 4 -5.79 5.03 -8.90
N ALA A 5 -4.79 5.30 -8.04
CA ALA A 5 -4.67 4.74 -6.69
C ALA A 5 -4.04 5.73 -5.70
N LYS A 6 -4.09 5.40 -4.40
CA LYS A 6 -3.63 6.23 -3.26
C LYS A 6 -2.45 5.60 -2.51
N TYR A 7 -2.37 4.26 -2.55
CA TYR A 7 -1.26 3.46 -2.03
C TYR A 7 -0.93 2.33 -3.01
N SER A 8 0.29 1.80 -2.96
CA SER A 8 0.71 0.64 -3.78
C SER A 8 1.89 -0.13 -3.16
N TYR A 9 2.00 -1.42 -3.48
CA TYR A 9 3.05 -2.30 -2.93
C TYR A 9 3.65 -3.28 -3.96
N VAL A 10 4.71 -3.96 -3.53
CA VAL A 10 5.62 -4.78 -4.37
C VAL A 10 5.67 -6.26 -3.95
N ASP A 11 6.13 -7.10 -4.86
CA ASP A 11 6.47 -8.52 -4.63
C ASP A 11 7.69 -8.92 -5.50
N GLU A 12 8.10 -10.20 -5.51
CA GLU A 12 9.34 -10.66 -6.15
C GLU A 12 9.42 -10.38 -7.67
N ASN A 13 8.27 -10.31 -8.35
CA ASN A 13 8.17 -10.03 -9.79
C ASN A 13 8.25 -8.52 -10.15
N GLY A 14 8.08 -7.61 -9.19
CA GLY A 14 7.96 -6.16 -9.39
C GLY A 14 6.83 -5.53 -8.58
N GLU A 15 6.45 -4.28 -8.89
CA GLU A 15 5.25 -3.66 -8.33
C GLU A 15 4.03 -4.58 -8.57
N THR A 16 3.33 -4.96 -7.50
CA THR A 16 2.31 -6.01 -7.57
C THR A 16 0.87 -5.49 -7.56
N LYS A 17 0.51 -4.59 -6.63
CA LYS A 17 -0.90 -4.20 -6.39
C LYS A 17 -1.03 -2.76 -5.86
N THR A 18 -2.26 -2.27 -5.90
CA THR A 18 -2.69 -0.89 -5.60
C THR A 18 -3.90 -0.85 -4.66
N TRP A 19 -4.11 0.27 -3.97
CA TRP A 19 -5.20 0.48 -3.01
C TRP A 19 -5.62 1.95 -2.92
N THR A 20 -6.85 2.20 -2.47
CA THR A 20 -7.51 3.53 -2.43
C THR A 20 -7.84 4.01 -1.01
N GLY A 21 -7.75 3.13 -0.01
CA GLY A 21 -8.24 3.36 1.36
C GLY A 21 -9.60 2.72 1.66
N GLN A 22 -10.33 2.26 0.63
CA GLN A 22 -11.63 1.58 0.76
C GLN A 22 -11.50 0.15 1.32
N GLY A 23 -12.59 -0.39 1.88
CA GLY A 23 -12.63 -1.75 2.44
C GLY A 23 -11.78 -1.88 3.70
N ARG A 24 -10.74 -2.73 3.65
CA ARG A 24 -9.76 -2.97 4.74
C ARG A 24 -8.32 -3.07 4.19
N THR A 25 -7.34 -2.85 5.07
CA THR A 25 -5.90 -2.84 4.76
C THR A 25 -5.42 -4.13 4.04
N PRO A 26 -4.80 -4.03 2.84
CA PRO A 26 -4.28 -5.19 2.11
C PRO A 26 -3.27 -6.04 2.90
N ALA A 27 -3.16 -7.33 2.56
CA ALA A 27 -2.36 -8.33 3.29
C ALA A 27 -0.88 -7.94 3.47
N VAL A 28 -0.19 -7.51 2.41
CA VAL A 28 1.23 -7.11 2.51
C VAL A 28 1.39 -5.79 3.26
N ILE A 29 0.47 -4.84 3.10
CA ILE A 29 0.47 -3.57 3.84
C ILE A 29 0.41 -3.85 5.35
N LYS A 30 -0.56 -4.67 5.81
CA LYS A 30 -0.69 -5.03 7.22
C LYS A 30 0.50 -5.85 7.74
N LYS A 31 0.97 -6.84 6.99
CA LYS A 31 2.11 -7.70 7.38
C LYS A 31 3.42 -6.91 7.49
N ALA A 32 3.63 -5.90 6.64
CA ALA A 32 4.76 -4.97 6.77
C ALA A 32 4.69 -4.11 8.04
N MET A 33 3.50 -3.64 8.45
CA MET A 33 3.30 -2.96 9.73
C MET A 33 3.56 -3.89 10.92
N GLU A 34 3.02 -5.11 10.88
CA GLU A 34 3.08 -6.08 11.98
C GLU A 34 4.45 -6.75 12.17
N GLU A 35 5.15 -7.08 11.07
CA GLU A 35 6.38 -7.90 11.10
C GLU A 35 7.67 -7.15 10.71
N GLN A 36 7.55 -5.96 10.09
CA GLN A 36 8.70 -5.15 9.65
C GLN A 36 8.66 -3.70 10.19
N GLY A 37 7.66 -3.36 11.02
CA GLY A 37 7.54 -2.06 11.69
C GLY A 37 7.25 -0.86 10.78
N LYS A 38 6.80 -1.10 9.53
CA LYS A 38 6.44 -0.04 8.57
C LYS A 38 5.22 0.80 9.01
N GLN A 39 5.02 1.91 8.29
CA GLN A 39 3.83 2.78 8.37
C GLN A 39 3.30 3.01 6.93
N LEU A 40 2.04 3.44 6.79
CA LEU A 40 1.34 3.50 5.50
C LEU A 40 2.00 4.47 4.50
N GLU A 41 2.70 5.48 4.99
CA GLU A 41 3.49 6.42 4.17
C GLU A 41 4.61 5.74 3.36
N ASP A 42 5.08 4.55 3.76
CA ASP A 42 6.01 3.74 2.96
C ASP A 42 5.39 3.27 1.62
N PHE A 43 4.06 3.25 1.54
CA PHE A 43 3.27 2.76 0.40
C PHE A 43 2.39 3.84 -0.25
N LEU A 44 2.19 4.97 0.42
CA LEU A 44 1.52 6.19 -0.06
C LEU A 44 2.15 6.73 -1.37
N ILE A 45 1.29 7.06 -2.33
CA ILE A 45 1.66 7.66 -3.63
C ILE A 45 0.92 8.97 -3.99
N LYS A 46 -0.13 9.39 -3.26
CA LYS A 46 -0.87 10.65 -3.52
C LYS A 46 -1.19 11.49 -2.26
N GLU A 47 -2.20 11.09 -1.47
CA GLU A 47 -2.77 11.89 -0.37
C GLU A 47 -3.18 11.01 0.83
N LEU A 48 -3.39 11.65 2.00
CA LEU A 48 -3.70 11.00 3.28
C LEU A 48 -4.96 11.60 3.94
N GLU A 49 -5.57 10.84 4.86
CA GLU A 49 -6.85 11.13 5.52
C GLU A 49 -6.85 10.75 7.01
N ALA A 1 -9.75 1.67 -20.11
CA ALA A 1 -10.30 2.37 -18.92
C ALA A 1 -9.33 2.30 -17.72
N ALA A 2 -9.44 3.25 -16.78
CA ALA A 2 -8.62 3.34 -15.57
C ALA A 2 -9.40 3.97 -14.39
N ARG A 3 -8.83 3.88 -13.18
CA ARG A 3 -9.37 4.41 -11.92
C ARG A 3 -8.27 5.06 -11.05
N PRO A 4 -8.61 6.04 -10.19
CA PRO A 4 -7.64 6.69 -9.30
C PRO A 4 -7.17 5.78 -8.15
N ALA A 5 -6.07 6.16 -7.50
CA ALA A 5 -5.47 5.48 -6.36
C ALA A 5 -4.63 6.46 -5.49
N LYS A 6 -4.16 5.99 -4.32
CA LYS A 6 -3.26 6.73 -3.41
C LYS A 6 -2.12 5.89 -2.82
N TYR A 7 -2.22 4.56 -2.85
CA TYR A 7 -1.23 3.63 -2.31
C TYR A 7 -0.83 2.59 -3.36
N SER A 8 0.33 1.94 -3.21
CA SER A 8 0.80 0.86 -4.08
C SER A 8 1.75 -0.09 -3.35
N TYR A 9 1.73 -1.38 -3.71
CA TYR A 9 2.53 -2.42 -3.05
C TYR A 9 3.08 -3.51 -3.98
N VAL A 10 4.01 -4.27 -3.38
CA VAL A 10 4.93 -5.28 -3.95
C VAL A 10 4.77 -6.58 -3.15
N ASP A 11 4.49 -7.71 -3.81
CA ASP A 11 4.40 -9.01 -3.15
C ASP A 11 5.79 -9.57 -2.78
N GLU A 12 6.70 -9.69 -3.77
CA GLU A 12 8.10 -10.06 -3.57
C GLU A 12 8.98 -9.65 -4.77
N ASN A 13 8.67 -10.17 -5.98
CA ASN A 13 9.53 -10.01 -7.16
C ASN A 13 9.51 -8.60 -7.77
N GLY A 14 8.44 -7.83 -7.53
CA GLY A 14 8.20 -6.51 -8.13
C GLY A 14 6.81 -5.96 -7.81
N GLU A 15 6.47 -4.79 -8.37
CA GLU A 15 5.16 -4.14 -8.20
C GLU A 15 3.98 -5.09 -8.49
N THR A 16 2.96 -5.02 -7.64
CA THR A 16 1.84 -5.95 -7.59
C THR A 16 0.52 -5.26 -7.91
N LYS A 17 0.11 -4.26 -7.11
CA LYS A 17 -1.06 -3.40 -7.44
C LYS A 17 -1.14 -2.10 -6.65
N THR A 18 -2.05 -1.22 -7.06
CA THR A 18 -2.43 0.04 -6.40
C THR A 18 -3.71 -0.11 -5.58
N TRP A 19 -3.96 0.85 -4.67
CA TRP A 19 -5.09 0.85 -3.73
C TRP A 19 -5.53 2.29 -3.38
N THR A 20 -6.78 2.44 -2.94
CA THR A 20 -7.46 3.73 -2.67
C THR A 20 -7.55 4.07 -1.18
N GLY A 21 -7.36 3.08 -0.30
CA GLY A 21 -7.63 3.18 1.14
C GLY A 21 -9.00 2.61 1.56
N GLN A 22 -9.85 2.25 0.59
CA GLN A 22 -11.18 1.67 0.86
C GLN A 22 -11.10 0.19 1.25
N GLY A 23 -11.99 -0.27 2.14
CA GLY A 23 -11.99 -1.63 2.67
C GLY A 23 -10.81 -1.94 3.61
N ARG A 24 -10.61 -3.22 3.95
CA ARG A 24 -9.49 -3.69 4.79
C ARG A 24 -8.12 -3.46 4.12
N THR A 25 -7.09 -3.24 4.94
CA THR A 25 -5.70 -3.06 4.50
C THR A 25 -5.16 -4.31 3.78
N PRO A 26 -4.50 -4.19 2.60
CA PRO A 26 -3.84 -5.29 1.91
C PRO A 26 -2.88 -6.11 2.80
N ALA A 27 -2.85 -7.43 2.60
CA ALA A 27 -2.16 -8.37 3.49
C ALA A 27 -0.68 -8.05 3.73
N VAL A 28 0.10 -7.80 2.68
CA VAL A 28 1.54 -7.47 2.82
C VAL A 28 1.79 -6.09 3.43
N ILE A 29 0.90 -5.11 3.20
CA ILE A 29 0.94 -3.80 3.88
C ILE A 29 0.76 -4.00 5.40
N LYS A 30 -0.25 -4.79 5.80
CA LYS A 30 -0.45 -5.20 7.19
C LYS A 30 0.77 -5.95 7.74
N LYS A 31 1.34 -6.89 6.98
CA LYS A 31 2.49 -7.69 7.45
C LYS A 31 3.77 -6.85 7.64
N ALA A 32 3.97 -5.81 6.82
CA ALA A 32 5.03 -4.83 7.02
C ALA A 32 4.84 -4.01 8.31
N MET A 33 3.61 -3.68 8.69
CA MET A 33 3.30 -3.08 10.00
C MET A 33 3.55 -4.05 11.16
N GLU A 34 3.10 -5.30 11.05
CA GLU A 34 3.22 -6.31 12.12
C GLU A 34 4.64 -6.85 12.35
N GLU A 35 5.41 -7.07 11.28
CA GLU A 35 6.71 -7.79 11.34
C GLU A 35 7.95 -6.90 11.08
N GLN A 36 7.77 -5.71 10.50
CA GLN A 36 8.88 -4.78 10.17
C GLN A 36 8.67 -3.36 10.74
N GLY A 37 7.55 -3.12 11.44
CA GLY A 37 7.26 -1.84 12.13
C GLY A 37 7.01 -0.65 11.20
N LYS A 38 6.72 -0.89 9.91
CA LYS A 38 6.43 0.18 8.93
C LYS A 38 5.09 0.88 9.22
N GLN A 39 4.82 1.96 8.49
CA GLN A 39 3.55 2.70 8.50
C GLN A 39 3.03 2.87 7.06
N LEU A 40 1.76 3.22 6.90
CA LEU A 40 1.09 3.24 5.58
C LEU A 40 1.72 4.21 4.58
N GLU A 41 2.36 5.28 5.05
CA GLU A 41 3.16 6.21 4.24
C GLU A 41 4.33 5.53 3.49
N ASP A 42 4.78 4.35 3.93
CA ASP A 42 5.74 3.52 3.18
C ASP A 42 5.17 2.96 1.86
N PHE A 43 3.85 3.02 1.69
CA PHE A 43 3.09 2.55 0.53
C PHE A 43 2.24 3.65 -0.13
N LEU A 44 1.98 4.77 0.57
CA LEU A 44 1.34 5.98 0.04
C LEU A 44 2.26 6.65 -1.00
N ILE A 45 1.77 6.79 -2.24
CA ILE A 45 2.56 7.23 -3.41
C ILE A 45 2.03 8.45 -4.19
N LYS A 46 0.80 8.92 -3.97
CA LYS A 46 0.23 10.07 -4.72
C LYS A 46 0.95 11.39 -4.39
N GLU A 47 1.07 11.70 -3.10
CA GLU A 47 1.72 12.92 -2.59
C GLU A 47 2.11 12.74 -1.10
N LEU A 48 3.24 13.32 -0.68
CA LEU A 48 3.74 13.30 0.70
C LEU A 48 4.44 14.63 1.06
N GLU A 49 4.52 14.93 2.36
CA GLU A 49 5.14 16.15 2.94
C GLU A 49 5.92 15.85 4.23
N ALA A 1 -16.20 13.01 -2.98
CA ALA A 1 -15.91 11.58 -3.31
C ALA A 1 -14.77 11.47 -4.35
N ALA A 2 -14.09 10.31 -4.38
CA ALA A 2 -12.98 10.01 -5.30
C ALA A 2 -12.92 8.50 -5.66
N ARG A 3 -12.16 8.16 -6.72
CA ARG A 3 -11.99 6.79 -7.26
C ARG A 3 -10.55 6.32 -7.55
N PRO A 4 -9.61 7.17 -8.02
CA PRO A 4 -8.21 6.81 -8.24
C PRO A 4 -7.48 6.25 -7.01
N ALA A 5 -6.41 5.50 -7.23
CA ALA A 5 -5.54 4.95 -6.18
C ALA A 5 -4.78 6.04 -5.39
N LYS A 6 -4.30 5.65 -4.20
CA LYS A 6 -3.44 6.44 -3.30
C LYS A 6 -2.21 5.66 -2.80
N TYR A 7 -2.16 4.36 -3.03
CA TYR A 7 -1.11 3.45 -2.55
C TYR A 7 -0.66 2.48 -3.64
N SER A 8 0.59 2.01 -3.56
CA SER A 8 1.17 0.97 -4.43
C SER A 8 2.17 0.10 -3.65
N TYR A 9 2.17 -1.20 -3.95
CA TYR A 9 2.94 -2.21 -3.21
C TYR A 9 3.40 -3.40 -4.06
N VAL A 10 4.22 -4.27 -3.47
CA VAL A 10 4.98 -5.37 -4.11
C VAL A 10 4.79 -6.68 -3.33
N ASP A 11 4.96 -7.82 -4.03
CA ASP A 11 4.94 -9.17 -3.43
C ASP A 11 6.27 -9.93 -3.63
N GLU A 12 6.87 -9.92 -4.83
CA GLU A 12 8.20 -10.50 -5.08
C GLU A 12 8.97 -9.80 -6.23
N ASN A 13 8.45 -9.83 -7.45
CA ASN A 13 9.18 -9.39 -8.65
C ASN A 13 9.33 -7.86 -8.80
N GLY A 14 8.46 -7.08 -8.14
CA GLY A 14 8.35 -5.62 -8.26
C GLY A 14 6.94 -5.13 -7.94
N GLU A 15 6.69 -3.83 -8.05
CA GLU A 15 5.36 -3.23 -7.82
C GLU A 15 4.26 -4.03 -8.56
N THR A 16 3.36 -4.63 -7.78
CA THR A 16 2.40 -5.63 -8.25
C THR A 16 0.95 -5.12 -8.26
N LYS A 17 0.54 -4.33 -7.26
CA LYS A 17 -0.86 -3.90 -7.04
C LYS A 17 -0.94 -2.52 -6.37
N THR A 18 -2.14 -1.93 -6.40
CA THR A 18 -2.46 -0.61 -5.86
C THR A 18 -3.74 -0.61 -5.01
N TRP A 19 -3.95 0.44 -4.21
CA TRP A 19 -5.08 0.57 -3.29
C TRP A 19 -5.46 2.05 -3.08
N THR A 20 -6.71 2.32 -2.67
CA THR A 20 -7.30 3.66 -2.52
C THR A 20 -7.26 4.21 -1.09
N GLY A 21 -7.05 3.33 -0.09
CA GLY A 21 -7.19 3.64 1.33
C GLY A 21 -8.56 3.24 1.91
N GLN A 22 -9.52 2.83 1.07
CA GLN A 22 -10.86 2.40 1.48
C GLN A 22 -10.86 0.96 2.04
N GLY A 23 -11.77 0.69 2.99
CA GLY A 23 -11.86 -0.62 3.66
C GLY A 23 -10.69 -0.93 4.59
N ARG A 24 -10.62 -2.18 5.08
CA ARG A 24 -9.51 -2.68 5.92
C ARG A 24 -8.17 -2.67 5.17
N THR A 25 -7.07 -2.52 5.93
CA THR A 25 -5.69 -2.58 5.43
C THR A 25 -5.40 -3.90 4.71
N PRO A 26 -4.87 -3.91 3.46
CA PRO A 26 -4.49 -5.12 2.73
C PRO A 26 -3.50 -6.01 3.52
N ALA A 27 -3.59 -7.33 3.34
CA ALA A 27 -2.84 -8.30 4.16
C ALA A 27 -1.31 -8.10 4.15
N VAL A 28 -0.70 -7.86 2.98
CA VAL A 28 0.76 -7.60 2.89
C VAL A 28 1.17 -6.28 3.55
N ILE A 29 0.32 -5.24 3.48
CA ILE A 29 0.53 -3.95 4.18
C ILE A 29 0.46 -4.15 5.70
N LYS A 30 -0.54 -4.91 6.18
CA LYS A 30 -0.65 -5.32 7.59
C LYS A 30 0.57 -6.10 8.06
N LYS A 31 1.03 -7.08 7.27
CA LYS A 31 2.24 -7.88 7.59
C LYS A 31 3.49 -7.01 7.65
N ALA A 32 3.63 -6.01 6.76
CA ALA A 32 4.73 -5.05 6.81
C ALA A 32 4.69 -4.17 8.08
N MET A 33 3.49 -3.76 8.53
CA MET A 33 3.32 -3.07 9.81
C MET A 33 3.71 -3.95 11.01
N GLU A 34 3.28 -5.21 11.04
CA GLU A 34 3.52 -6.15 12.14
C GLU A 34 4.96 -6.72 12.22
N GLU A 35 5.60 -6.99 11.08
CA GLU A 35 6.88 -7.73 11.00
C GLU A 35 8.08 -6.88 10.55
N GLN A 36 7.85 -5.69 9.97
CA GLN A 36 8.91 -4.76 9.53
C GLN A 36 8.78 -3.35 10.15
N GLY A 37 7.76 -3.12 10.99
CA GLY A 37 7.51 -1.84 11.67
C GLY A 37 7.10 -0.68 10.73
N LYS A 38 6.71 -0.99 9.48
CA LYS A 38 6.31 0.01 8.48
C LYS A 38 4.97 0.70 8.83
N GLN A 39 4.62 1.74 8.09
CA GLN A 39 3.39 2.52 8.22
C GLN A 39 2.76 2.78 6.84
N LEU A 40 1.58 3.42 6.78
CA LEU A 40 0.86 3.69 5.53
C LEU A 40 1.73 4.46 4.52
N GLU A 41 2.51 5.43 4.99
CA GLU A 41 3.35 6.31 4.16
C GLU A 41 4.48 5.57 3.43
N ASP A 42 4.86 4.35 3.87
CA ASP A 42 5.80 3.48 3.14
C ASP A 42 5.26 3.06 1.75
N PHE A 43 3.93 3.07 1.58
CA PHE A 43 3.23 2.59 0.39
C PHE A 43 2.34 3.66 -0.26
N LEU A 44 2.07 4.78 0.42
CA LEU A 44 1.29 5.93 -0.04
C LEU A 44 2.09 6.78 -1.05
N ILE A 45 1.45 7.12 -2.19
CA ILE A 45 2.10 7.77 -3.35
C ILE A 45 1.44 9.07 -3.87
N LYS A 46 0.24 9.47 -3.37
CA LYS A 46 -0.57 10.56 -3.96
C LYS A 46 -1.08 11.64 -2.98
N GLU A 47 -0.46 11.75 -1.80
CA GLU A 47 -0.81 12.78 -0.79
C GLU A 47 0.41 13.34 -0.01
N LEU A 48 1.63 13.14 -0.53
CA LEU A 48 2.90 13.41 0.17
C LEU A 48 3.89 14.25 -0.68
N GLU A 49 3.36 15.01 -1.64
CA GLU A 49 4.10 15.97 -2.50
C GLU A 49 4.80 17.10 -1.71
N ALA A 1 -9.09 5.60 -16.95
CA ALA A 1 -9.95 6.61 -16.28
C ALA A 1 -10.83 5.97 -15.20
N ALA A 2 -11.40 6.80 -14.29
CA ALA A 2 -12.38 6.43 -13.24
C ALA A 2 -11.96 5.27 -12.29
N ARG A 3 -10.65 5.09 -12.07
CA ARG A 3 -10.07 4.06 -11.17
C ARG A 3 -8.92 4.64 -10.32
N PRO A 4 -9.20 5.62 -9.44
CA PRO A 4 -8.18 6.30 -8.62
C PRO A 4 -7.57 5.39 -7.55
N ALA A 5 -6.42 5.82 -7.00
CA ALA A 5 -5.68 5.16 -5.92
C ALA A 5 -4.90 6.16 -5.04
N LYS A 6 -4.34 5.67 -3.93
CA LYS A 6 -3.55 6.46 -2.96
C LYS A 6 -2.33 5.71 -2.39
N TYR A 7 -2.30 4.38 -2.49
CA TYR A 7 -1.22 3.54 -2.01
C TYR A 7 -0.90 2.43 -3.03
N SER A 8 0.29 1.84 -2.98
CA SER A 8 0.67 0.68 -3.82
C SER A 8 1.71 -0.21 -3.14
N TYR A 9 1.79 -1.48 -3.55
CA TYR A 9 2.74 -2.45 -2.98
C TYR A 9 3.26 -3.49 -3.99
N VAL A 10 4.25 -4.27 -3.51
CA VAL A 10 5.03 -5.26 -4.26
C VAL A 10 5.19 -6.53 -3.43
N ASP A 11 4.81 -7.69 -3.99
CA ASP A 11 5.03 -9.01 -3.39
C ASP A 11 6.46 -9.52 -3.63
N GLU A 12 6.92 -9.55 -4.89
CA GLU A 12 8.25 -10.03 -5.28
C GLU A 12 8.73 -9.54 -6.67
N ASN A 13 7.87 -9.61 -7.69
CA ASN A 13 8.23 -9.40 -9.10
C ASN A 13 8.71 -7.99 -9.49
N GLY A 14 8.33 -6.94 -8.74
CA GLY A 14 8.79 -5.55 -8.95
C GLY A 14 7.68 -4.49 -8.79
N GLU A 15 6.48 -4.80 -9.29
CA GLU A 15 5.23 -4.05 -9.07
C GLU A 15 4.05 -5.04 -8.98
N THR A 16 3.16 -4.89 -8.00
CA THR A 16 2.06 -5.84 -7.76
C THR A 16 0.69 -5.19 -7.94
N LYS A 17 0.24 -4.32 -7.03
CA LYS A 17 -1.06 -3.59 -7.18
C LYS A 17 -1.19 -2.32 -6.34
N THR A 18 -2.32 -1.64 -6.51
CA THR A 18 -2.69 -0.35 -5.87
C THR A 18 -3.88 -0.50 -4.92
N TRP A 19 -4.07 0.50 -4.04
CA TRP A 19 -5.15 0.59 -3.04
C TRP A 19 -5.55 2.05 -2.80
N THR A 20 -6.76 2.29 -2.28
CA THR A 20 -7.33 3.65 -2.12
C THR A 20 -7.70 4.01 -0.66
N GLY A 21 -7.47 3.11 0.30
CA GLY A 21 -7.76 3.33 1.73
C GLY A 21 -9.18 2.95 2.15
N GLN A 22 -9.77 1.92 1.53
CA GLN A 22 -11.14 1.44 1.75
C GLN A 22 -11.20 -0.09 1.82
N GLY A 23 -12.27 -0.64 2.41
CA GLY A 23 -12.40 -2.07 2.70
C GLY A 23 -11.51 -2.49 3.89
N ARG A 24 -10.41 -3.20 3.61
CA ARG A 24 -9.39 -3.62 4.59
C ARG A 24 -7.97 -3.45 4.02
N THR A 25 -6.99 -3.21 4.91
CA THR A 25 -5.57 -3.06 4.56
C THR A 25 -5.02 -4.30 3.82
N PRO A 26 -4.39 -4.15 2.63
CA PRO A 26 -3.77 -5.25 1.89
C PRO A 26 -2.77 -6.08 2.72
N ALA A 27 -2.72 -7.40 2.47
CA ALA A 27 -1.96 -8.36 3.28
C ALA A 27 -0.47 -7.99 3.46
N VAL A 28 0.22 -7.59 2.39
CA VAL A 28 1.65 -7.20 2.46
C VAL A 28 1.84 -5.93 3.28
N ILE A 29 0.95 -4.93 3.11
CA ILE A 29 0.98 -3.67 3.88
C ILE A 29 0.73 -3.97 5.38
N LYS A 30 -0.24 -4.83 5.70
CA LYS A 30 -0.52 -5.32 7.06
C LYS A 30 0.70 -6.01 7.66
N LYS A 31 1.30 -6.96 6.94
CA LYS A 31 2.49 -7.69 7.41
C LYS A 31 3.70 -6.77 7.64
N ALA A 32 3.89 -5.76 6.79
CA ALA A 32 4.92 -4.75 6.98
C ALA A 32 4.71 -3.91 8.25
N MET A 33 3.47 -3.58 8.59
CA MET A 33 3.13 -2.93 9.86
C MET A 33 3.35 -3.87 11.07
N GLU A 34 2.88 -5.11 11.01
CA GLU A 34 2.91 -6.06 12.13
C GLU A 34 4.29 -6.64 12.45
N GLU A 35 5.07 -7.01 11.42
CA GLU A 35 6.33 -7.77 11.58
C GLU A 35 7.59 -7.00 11.17
N GLN A 36 7.45 -5.86 10.47
CA GLN A 36 8.58 -5.00 10.04
C GLN A 36 8.49 -3.56 10.59
N GLY A 37 7.44 -3.22 11.36
CA GLY A 37 7.27 -1.95 12.05
C GLY A 37 7.04 -0.73 11.14
N LYS A 38 6.67 -0.94 9.87
CA LYS A 38 6.42 0.14 8.89
C LYS A 38 5.13 0.92 9.19
N GLN A 39 4.94 2.03 8.47
CA GLN A 39 3.71 2.85 8.45
C GLN A 39 3.19 2.98 7.01
N LEU A 40 1.93 3.39 6.83
CA LEU A 40 1.25 3.43 5.54
C LEU A 40 1.91 4.39 4.53
N GLU A 41 2.60 5.41 5.03
CA GLU A 41 3.41 6.34 4.22
C GLU A 41 4.53 5.63 3.43
N ASP A 42 5.00 4.46 3.88
CA ASP A 42 5.94 3.63 3.11
C ASP A 42 5.33 3.07 1.80
N PHE A 43 4.00 3.10 1.67
CA PHE A 43 3.21 2.59 0.54
C PHE A 43 2.36 3.67 -0.15
N LEU A 44 2.17 4.83 0.48
CA LEU A 44 1.59 6.05 -0.07
C LEU A 44 2.31 6.52 -1.34
N ILE A 45 1.52 6.95 -2.35
CA ILE A 45 2.04 7.33 -3.68
C ILE A 45 1.79 8.79 -4.11
N LYS A 46 0.80 9.51 -3.53
CA LYS A 46 0.53 10.92 -3.90
C LYS A 46 0.24 11.90 -2.76
N GLU A 47 -0.75 11.64 -1.90
CA GLU A 47 -1.21 12.59 -0.85
C GLU A 47 -2.08 11.90 0.21
N LEU A 48 -1.93 12.25 1.49
CA LEU A 48 -2.78 11.76 2.60
C LEU A 48 -3.13 12.84 3.66
N GLU A 49 -2.95 14.12 3.31
CA GLU A 49 -3.21 15.30 4.17
C GLU A 49 -3.68 16.51 3.35
N ALA A 1 -1.26 13.37 -16.63
CA ALA A 1 -2.06 12.23 -16.10
C ALA A 1 -1.39 11.58 -14.87
N ALA A 2 -2.18 10.91 -14.02
CA ALA A 2 -1.71 10.22 -12.80
C ALA A 2 -2.56 8.96 -12.50
N ARG A 3 -2.10 8.13 -11.55
CA ARG A 3 -2.75 6.86 -11.14
C ARG A 3 -4.14 7.08 -10.51
N PRO A 4 -5.09 6.12 -10.66
CA PRO A 4 -6.42 6.15 -10.03
C PRO A 4 -6.43 5.61 -8.58
N ALA A 5 -5.32 5.81 -7.86
CA ALA A 5 -5.02 5.26 -6.54
C ALA A 5 -4.02 6.16 -5.78
N LYS A 6 -3.79 5.90 -4.48
CA LYS A 6 -2.83 6.65 -3.65
C LYS A 6 -1.73 5.80 -3.02
N TYR A 7 -1.88 4.47 -3.01
CA TYR A 7 -0.92 3.52 -2.44
C TYR A 7 -0.61 2.38 -3.43
N SER A 8 0.53 1.72 -3.27
CA SER A 8 0.88 0.50 -4.02
C SER A 8 1.72 -0.48 -3.21
N TYR A 9 1.73 -1.75 -3.63
CA TYR A 9 2.47 -2.82 -2.97
C TYR A 9 3.10 -3.82 -3.94
N VAL A 10 4.03 -4.62 -3.42
CA VAL A 10 4.95 -5.51 -4.15
C VAL A 10 4.72 -6.97 -3.73
N ASP A 11 4.82 -7.87 -4.71
CA ASP A 11 4.85 -9.33 -4.50
C ASP A 11 5.74 -10.04 -5.54
N GLU A 12 5.63 -9.58 -6.78
CA GLU A 12 6.47 -9.96 -7.91
C GLU A 12 7.86 -9.26 -7.86
N ASN A 13 8.52 -9.19 -9.01
CA ASN A 13 9.80 -8.50 -9.23
C ASN A 13 9.77 -6.97 -9.04
N GLY A 14 8.60 -6.40 -8.73
CA GLY A 14 8.35 -4.97 -8.61
C GLY A 14 6.90 -4.71 -8.16
N GLU A 15 6.42 -3.49 -8.41
CA GLU A 15 5.03 -3.09 -8.11
C GLU A 15 4.02 -4.10 -8.69
N THR A 16 3.08 -4.52 -7.84
CA THR A 16 2.14 -5.62 -8.10
C THR A 16 0.70 -5.11 -8.19
N LYS A 17 0.24 -4.35 -7.18
CA LYS A 17 -1.14 -3.83 -7.08
C LYS A 17 -1.19 -2.46 -6.40
N THR A 18 -2.36 -1.81 -6.47
CA THR A 18 -2.62 -0.45 -5.97
C THR A 18 -3.85 -0.39 -5.05
N TRP A 19 -3.95 0.67 -4.23
CA TRP A 19 -4.97 0.84 -3.19
C TRP A 19 -5.28 2.33 -2.92
N THR A 20 -6.44 2.60 -2.33
CA THR A 20 -7.03 3.95 -2.16
C THR A 20 -7.06 4.45 -0.71
N GLY A 21 -6.66 3.61 0.26
CA GLY A 21 -6.75 3.93 1.69
C GLY A 21 -8.11 3.63 2.33
N GLN A 22 -8.91 2.75 1.70
CA GLN A 22 -10.31 2.48 2.07
C GLN A 22 -10.61 0.96 2.13
N GLY A 23 -11.72 0.58 2.78
CA GLY A 23 -12.13 -0.82 2.98
C GLY A 23 -11.31 -1.50 4.07
N ARG A 24 -10.23 -2.21 3.67
CA ARG A 24 -9.22 -2.82 4.56
C ARG A 24 -7.81 -2.72 3.96
N THR A 25 -6.80 -2.60 4.81
CA THR A 25 -5.37 -2.56 4.42
C THR A 25 -4.95 -3.86 3.70
N PRO A 26 -4.29 -3.79 2.53
CA PRO A 26 -3.72 -4.95 1.83
C PRO A 26 -2.84 -5.84 2.72
N ALA A 27 -2.90 -7.16 2.53
CA ALA A 27 -2.28 -8.14 3.42
C ALA A 27 -0.76 -7.93 3.62
N VAL A 28 0.01 -7.73 2.55
CA VAL A 28 1.46 -7.50 2.66
C VAL A 28 1.80 -6.17 3.37
N ILE A 29 0.98 -5.12 3.18
CA ILE A 29 1.12 -3.85 3.93
C ILE A 29 0.87 -4.08 5.42
N LYS A 30 -0.21 -4.78 5.77
CA LYS A 30 -0.54 -5.17 7.16
C LYS A 30 0.61 -5.95 7.80
N LYS A 31 1.12 -6.98 7.12
CA LYS A 31 2.22 -7.80 7.62
C LYS A 31 3.52 -7.00 7.79
N ALA A 32 3.81 -6.05 6.88
CA ALA A 32 4.94 -5.13 7.01
C ALA A 32 4.78 -4.16 8.21
N MET A 33 3.57 -3.70 8.51
CA MET A 33 3.29 -2.92 9.72
C MET A 33 3.53 -3.76 11.00
N GLU A 34 3.07 -5.02 11.02
CA GLU A 34 3.16 -5.91 12.19
C GLU A 34 4.57 -6.45 12.46
N GLU A 35 5.32 -6.86 11.43
CA GLU A 35 6.60 -7.58 11.57
C GLU A 35 7.84 -6.79 11.12
N GLN A 36 7.67 -5.70 10.37
CA GLN A 36 8.77 -4.85 9.86
C GLN A 36 8.66 -3.39 10.33
N GLY A 37 7.68 -3.05 11.16
CA GLY A 37 7.50 -1.73 11.80
C GLY A 37 7.10 -0.59 10.84
N LYS A 38 6.64 -0.92 9.62
CA LYS A 38 6.22 0.07 8.61
C LYS A 38 4.94 0.82 9.01
N GLN A 39 4.62 1.87 8.25
CA GLN A 39 3.35 2.62 8.29
C GLN A 39 2.80 2.78 6.86
N LEU A 40 1.56 3.23 6.69
CA LEU A 40 0.91 3.32 5.37
C LEU A 40 1.66 4.27 4.40
N GLU A 41 2.32 5.30 4.92
CA GLU A 41 3.16 6.22 4.14
C GLU A 41 4.39 5.55 3.48
N ASP A 42 4.86 4.41 3.99
CA ASP A 42 5.89 3.59 3.31
C ASP A 42 5.39 2.98 1.98
N PHE A 43 4.06 3.00 1.75
CA PHE A 43 3.38 2.44 0.58
C PHE A 43 2.54 3.49 -0.18
N LEU A 44 2.34 4.68 0.41
CA LEU A 44 1.69 5.85 -0.20
C LEU A 44 2.62 6.47 -1.26
N ILE A 45 2.13 6.57 -2.51
CA ILE A 45 2.94 6.93 -3.68
C ILE A 45 2.48 8.15 -4.53
N LYS A 46 1.24 8.65 -4.37
CA LYS A 46 0.71 9.75 -5.23
C LYS A 46 0.93 11.16 -4.66
N GLU A 47 1.11 11.30 -3.34
CA GLU A 47 1.12 12.59 -2.63
C GLU A 47 2.41 12.83 -1.81
N LEU A 48 3.45 12.03 -2.03
CA LEU A 48 4.75 12.09 -1.34
C LEU A 48 5.93 11.93 -2.32
N GLU A 49 7.13 12.36 -1.88
CA GLU A 49 8.40 12.31 -2.64
C GLU A 49 9.62 12.09 -1.71
#